data_7CX4
#
_entry.id   7CX4
#
_cell.length_a   1.00
_cell.length_b   1.00
_cell.length_c   1.00
_cell.angle_alpha   90.00
_cell.angle_beta   90.00
_cell.angle_gamma   90.00
#
_symmetry.space_group_name_H-M   'P 1'
#
loop_
_entity.id
_entity.type
_entity.pdbx_description
1 polymer 'Prostaglandin E2 receptor EP2 subtype'
2 polymer 'Guanine nucleotide-binding protein G(s) subunit alpha isoforms short'
3 polymer 'Guanine nucleotide-binding protein G(I)/G(S)/G(T) subunit beta-1'
4 polymer 'Guanine nucleotide-binding protein G(I)/G(S)/G(O) subunit gamma-2'
5 polymer Nanobody-35
6 non-polymer '2-[3-[[(4-~{tert}-butylphenyl)methyl-pyridin-3-ylsulfonyl-amino]methyl]phenoxy]ethanoic acid'
#
loop_
_entity_poly.entity_id
_entity_poly.type
_entity_poly.pdbx_seq_one_letter_code
_entity_poly.pdbx_strand_id
1 'polypeptide(L)'
;MGNASNDSQSEDCETRQWLPPGESPAISSVMFSAGVLGNLIALALLARRWRGDVGCSAGRRSSLSLFHVLVTELVFTDLL
GTCLISPVVLASYARNQTLVALAPESRACTYFAFAMTFFSLATMLMLFAMALERYLSIGHPYFYQRRVSRSGGLAVLPVI
YAVSLLFCSLPLLDYGQYVQYCPGTWCFIRHGRTAYLQLYATLLLLLIVSVLACNFSVILNLIRMHRRSRRSRCGPSLGS
GRGGPGARRRGERVSMAEETDHLILLAIMTITFAVCSLPFTIFAYMNETSSRKEKWDLQALRFLSINSIIDPWVFAILRP
PVLRLMRSVLCCRISLRTQDATQTSCSTQSDASKQADL
;
R
2 'polypeptide(L)'
;MGCLGNSKTEDQRNEEKAQREANKKIEKQLQKDKQVYRATHRLLLLGAGESGKNTIVKQMRILHVNGFNGEGGEEDPQAA
RSNSDGEKATKVQDIKNNLKEAIETIVAAMSNLVPPVELANPENQFRVDYILSVMNVPDFDFPPEFYEHAKALWEDEGVR
ACYERSNEYQLIDCAQYFLDKIDVIKQADYVPSDQDLLRCRVLTSGIFETKFQVDKVNFHMFDVGAQRDERRKWIQCFND
VTAIIFVVASSSYNMVIREDNQTNRLQAALKLFDSIWNNKWLRDTSVILFLNKQDLLAEKVLAGKSKIEDYFPEFARYTT
PEDATPEPGEDPRVTRAKYFIRDEFLRISTASGDGRHYCYPHFTCAVDTENIRRVFNDCRDIIQRMHLRQYELL
;
A
3 'polypeptide(L)'
;MHHHHHHLEVLFQGPGSSQSELDQLRQEAEQLKNQIRDARKACADATLSQITNNIDPVGRIQMRTRRTLRGHLAKIYAMH
WGTDSRLLVSASQDGKLIIWDSYTTNKVHAIPLRSSWVMTCAYAPSGNYVACGGLDNICSIYNLKTREGNVRVSRELAGH
TGYLSCCRFLDDNQIVTSSGDTTCALWDIETGQQTTTFTGHTGDVMSLSLAPDTRLFVSGACDASAKLWDVREGMCRQTF
TGHESDINAICFFPNGNAFATGSDDATCRLFDLRADQELMTYSHDNIICGITSVSFSKSGRLLLAGYDDFNCNVWDALKA
DRAGVLAGHDNRVSCLGVTDDGMAVATGSWDSFLKIWN
;
B
4 'polypeptide(L)' MASNNTASIAQARKLVEQLKMEANIDRIKVSKAAADLMAYCEAHAKEDPLLTPVPASENPFREKKFFCAIL G
5 'polypeptide(L)'
;QVQLQESGGGLVQPGGSLRLSCAASGFTFSNYKMNWVRQAPGKGLEWVSDISQSGASISYTGSVKGRFTISRDNAKNTLY
LQMNSLKPEDTAVYYCARCPAPFTRDCFDVTSTTYAYRGQGTQVTVSS
;
N
#
loop_
_chem_comp.id
_chem_comp.type
_chem_comp.name
_chem_comp.formula
GM9 non-polymer '2-[3-[[(4-~{tert}-butylphenyl)methyl-pyridin-3-ylsulfonyl-amino]methyl]phenoxy]ethanoic acid' 'C25 H28 N2 O5 S'
#
# COMPACT_ATOMS: atom_id res chain seq x y z
N GLY A 22 45.23 38.35 -30.82
CA GLY A 22 44.24 37.33 -31.10
C GLY A 22 44.22 36.22 -30.07
N GLU A 23 43.09 36.04 -29.40
CA GLU A 23 42.92 35.02 -28.38
C GLU A 23 41.68 34.20 -28.69
N SER A 24 41.87 32.91 -28.96
CA SER A 24 40.79 32.08 -29.47
C SER A 24 39.71 31.86 -28.42
N PRO A 25 38.45 31.77 -28.82
CA PRO A 25 37.36 31.48 -27.88
C PRO A 25 37.08 30.01 -27.65
N ALA A 26 38.02 29.12 -28.00
CA ALA A 26 37.75 27.68 -27.94
C ALA A 26 37.41 27.22 -26.53
N ILE A 27 38.11 27.74 -25.53
CA ILE A 27 37.88 27.29 -24.16
C ILE A 27 36.48 27.65 -23.70
N SER A 28 35.99 28.84 -24.09
CA SER A 28 34.67 29.26 -23.65
C SER A 28 33.56 28.56 -24.42
N SER A 29 33.80 28.28 -25.71
CA SER A 29 32.75 27.71 -26.55
C SER A 29 32.33 26.33 -26.07
N VAL A 30 33.29 25.41 -25.98
CA VAL A 30 32.98 24.04 -25.59
C VAL A 30 32.45 23.98 -24.17
N MET A 31 32.98 24.83 -23.28
CA MET A 31 32.53 24.83 -21.90
C MET A 31 31.08 25.30 -21.80
N PHE A 32 30.75 26.42 -22.44
CA PHE A 32 29.37 26.90 -22.43
C PHE A 32 28.42 25.90 -23.07
N SER A 33 28.85 25.27 -24.17
CA SER A 33 28.00 24.28 -24.83
C SER A 33 27.72 23.10 -23.91
N ALA A 34 28.78 22.55 -23.31
CA ALA A 34 28.59 21.41 -22.41
C ALA A 34 27.71 21.79 -21.23
N GLY A 35 27.92 22.97 -20.66
CA GLY A 35 27.10 23.39 -19.54
C GLY A 35 25.63 23.47 -19.90
N VAL A 36 25.31 24.16 -21.00
CA VAL A 36 23.90 24.34 -21.34
C VAL A 36 23.27 23.02 -21.75
N LEU A 37 24.00 22.15 -22.45
CA LEU A 37 23.41 20.88 -22.85
C LEU A 37 23.20 19.96 -21.65
N GLY A 38 24.15 19.93 -20.72
CA GLY A 38 23.96 19.15 -19.52
C GLY A 38 22.79 19.65 -18.69
N ASN A 39 22.66 20.98 -18.55
CA ASN A 39 21.53 21.52 -17.81
C ASN A 39 20.21 21.17 -18.48
N LEU A 40 20.16 21.23 -19.81
CA LEU A 40 18.90 20.92 -20.50
C LEU A 40 18.55 19.43 -20.38
N ILE A 41 19.52 18.55 -20.59
CA ILE A 41 19.27 17.12 -20.44
C ILE A 41 18.85 16.79 -19.02
N ALA A 42 19.43 17.47 -18.02
CA ALA A 42 19.06 17.20 -16.65
C ALA A 42 17.68 17.77 -16.31
N LEU A 43 17.31 18.89 -16.94
CA LEU A 43 16.00 19.49 -16.66
C LEU A 43 14.88 18.71 -17.32
N ALA A 44 15.13 18.15 -18.52
CA ALA A 44 14.09 17.40 -19.21
C ALA A 44 13.63 16.20 -18.39
N LEU A 45 14.57 15.47 -17.80
CA LEU A 45 14.27 14.24 -17.07
C LEU A 45 13.72 14.48 -15.67
N LEU A 46 13.35 15.72 -15.33
CA LEU A 46 12.71 15.97 -14.04
C LEU A 46 11.54 16.93 -14.18
N ALA A 47 11.39 17.53 -15.37
CA ALA A 47 10.31 18.49 -15.59
C ALA A 47 8.92 17.86 -15.51
N ARG A 48 8.82 16.55 -15.57
CA ARG A 48 7.54 15.86 -15.50
C ARG A 48 6.83 16.08 -14.17
N SER A 65 9.28 14.80 -3.69
CA SER A 65 10.19 14.82 -2.56
C SER A 65 10.94 16.14 -2.47
N LEU A 66 11.49 16.44 -1.30
CA LEU A 66 12.26 17.67 -1.12
C LEU A 66 13.48 17.69 -2.03
N PHE A 67 14.07 16.51 -2.27
CA PHE A 67 15.22 16.42 -3.15
C PHE A 67 14.87 16.79 -4.58
N HIS A 68 13.67 16.45 -5.03
CA HIS A 68 13.23 16.85 -6.38
C HIS A 68 13.16 18.36 -6.51
N VAL A 69 12.54 19.02 -5.53
CA VAL A 69 12.44 20.48 -5.53
C VAL A 69 13.83 21.09 -5.51
N LEU A 70 14.72 20.57 -4.67
CA LEU A 70 16.07 21.13 -4.57
C LEU A 70 16.85 20.97 -5.86
N VAL A 71 16.77 19.80 -6.48
CA VAL A 71 17.49 19.57 -7.73
C VAL A 71 16.96 20.46 -8.84
N THR A 72 15.63 20.63 -8.92
CA THR A 72 15.09 21.47 -9.98
C THR A 72 15.47 22.93 -9.76
N GLU A 73 15.46 23.40 -8.51
CA GLU A 73 15.90 24.76 -8.25
C GLU A 73 17.37 24.95 -8.56
N LEU A 74 18.19 23.93 -8.27
CA LEU A 74 19.62 24.01 -8.57
C LEU A 74 19.86 24.14 -10.06
N VAL A 75 19.28 23.23 -10.86
CA VAL A 75 19.53 23.27 -12.30
C VAL A 75 18.95 24.55 -12.90
N PHE A 76 17.80 25.02 -12.38
CA PHE A 76 17.26 26.30 -12.83
C PHE A 76 18.24 27.43 -12.57
N THR A 77 18.82 27.48 -11.37
CA THR A 77 19.74 28.56 -11.05
C THR A 77 21.00 28.50 -11.92
N ASP A 78 21.57 27.31 -12.09
CA ASP A 78 22.77 27.20 -12.92
C ASP A 78 22.49 27.62 -14.36
N LEU A 79 21.38 27.14 -14.93
CA LEU A 79 21.10 27.44 -16.33
C LEU A 79 20.79 28.93 -16.51
N LEU A 80 20.06 29.52 -15.57
CA LEU A 80 19.76 30.95 -15.65
C LEU A 80 21.05 31.77 -15.55
N GLY A 81 21.93 31.41 -14.62
CA GLY A 81 23.19 32.12 -14.51
C GLY A 81 24.03 32.00 -15.77
N THR A 82 24.06 30.80 -16.35
CA THR A 82 24.80 30.61 -17.60
C THR A 82 24.25 31.51 -18.70
N CYS A 83 22.93 31.48 -18.92
CA CYS A 83 22.35 32.31 -19.98
C CYS A 83 22.52 33.79 -19.71
N LEU A 84 22.54 34.21 -18.45
CA LEU A 84 22.67 35.64 -18.16
C LEU A 84 24.11 36.13 -18.12
N ILE A 85 25.09 35.23 -18.01
CA ILE A 85 26.49 35.64 -17.92
C ILE A 85 27.27 35.33 -19.19
N SER A 86 27.24 34.08 -19.65
CA SER A 86 28.17 33.66 -20.69
C SER A 86 28.04 34.41 -22.00
N PRO A 87 26.84 34.72 -22.51
CA PRO A 87 26.78 35.53 -23.75
C PRO A 87 27.49 36.86 -23.65
N VAL A 88 27.61 37.43 -22.45
CA VAL A 88 28.30 38.70 -22.31
C VAL A 88 29.79 38.54 -22.59
N VAL A 89 30.43 37.54 -21.99
CA VAL A 89 31.85 37.32 -22.27
C VAL A 89 32.05 36.82 -23.69
N LEU A 90 31.04 36.15 -24.26
CA LEU A 90 31.14 35.76 -25.67
C LEU A 90 31.05 36.97 -26.59
N ALA A 91 30.32 38.01 -26.18
CA ALA A 91 30.09 39.16 -27.04
C ALA A 91 31.38 39.88 -27.39
N SER A 92 32.28 40.05 -26.43
CA SER A 92 33.53 40.76 -26.67
C SER A 92 34.58 39.85 -27.30
N TYR A 93 34.20 39.16 -28.36
CA TYR A 93 35.13 38.39 -29.17
C TYR A 93 35.05 38.75 -30.65
N ALA A 94 33.85 39.00 -31.17
CA ALA A 94 33.68 39.47 -32.54
C ALA A 94 33.63 40.99 -32.63
N ARG A 95 33.16 41.66 -31.58
CA ARG A 95 33.09 43.12 -31.55
C ARG A 95 34.42 43.78 -31.21
N ASN A 96 35.51 43.01 -31.17
CA ASN A 96 36.84 43.55 -30.91
C ASN A 96 37.88 42.49 -31.18
N GLN A 97 39.00 42.90 -31.78
CA GLN A 97 40.17 42.03 -31.95
C GLN A 97 41.16 42.31 -30.82
N THR A 98 40.79 41.79 -29.64
CA THR A 98 41.52 41.97 -28.37
C THR A 98 41.89 43.43 -28.10
N LEU A 99 41.18 44.36 -28.73
CA LEU A 99 41.44 45.79 -28.57
C LEU A 99 40.41 46.48 -27.68
N VAL A 100 39.13 46.28 -27.95
CA VAL A 100 38.05 46.87 -27.18
C VAL A 100 37.57 45.83 -26.18
N ALA A 101 38.15 45.86 -24.98
CA ALA A 101 37.69 44.98 -23.92
C ALA A 101 36.24 45.28 -23.54
N LEU A 102 35.93 46.56 -23.32
CA LEU A 102 34.56 47.00 -23.06
C LEU A 102 34.11 47.84 -24.25
N ALA A 103 33.64 47.16 -25.29
CA ALA A 103 33.01 47.75 -26.45
C ALA A 103 31.54 48.08 -26.23
N PRO A 104 30.72 47.17 -25.63
CA PRO A 104 29.27 47.43 -25.57
C PRO A 104 28.87 48.74 -24.91
N GLU A 105 29.25 48.94 -23.65
CA GLU A 105 28.82 50.09 -22.87
C GLU A 105 30.00 50.61 -22.08
N SER A 106 29.72 51.50 -21.12
CA SER A 106 30.75 52.07 -20.26
C SER A 106 30.78 51.44 -18.87
N ARG A 107 29.67 50.86 -18.42
CA ARG A 107 29.57 50.26 -17.09
C ARG A 107 29.18 48.79 -17.17
N ALA A 108 29.38 48.15 -18.32
CA ALA A 108 28.89 46.79 -18.51
C ALA A 108 29.62 45.79 -17.61
N CYS A 109 30.92 46.00 -17.37
CA CYS A 109 31.66 45.03 -16.58
C CYS A 109 31.23 45.09 -15.13
N THR A 110 30.66 46.22 -14.70
CA THR A 110 30.01 46.28 -13.40
C THR A 110 28.87 45.26 -13.33
N TYR A 111 28.04 45.22 -14.37
CA TYR A 111 26.99 44.22 -14.45
C TYR A 111 27.58 42.82 -14.47
N PHE A 112 28.67 42.62 -15.21
CA PHE A 112 29.27 41.29 -15.28
C PHE A 112 29.77 40.84 -13.91
N ALA A 113 30.48 41.71 -13.20
CA ALA A 113 31.00 41.37 -11.88
C ALA A 113 29.86 41.10 -10.90
N PHE A 114 28.83 41.94 -10.93
CA PHE A 114 27.68 41.72 -10.06
C PHE A 114 27.05 40.36 -10.31
N ALA A 115 26.74 40.07 -11.58
CA ALA A 115 26.13 38.79 -11.92
C ALA A 115 27.04 37.63 -11.51
N MET A 116 28.34 37.76 -11.73
CA MET A 116 29.28 36.70 -11.37
C MET A 116 29.22 36.42 -9.88
N THR A 117 29.39 37.44 -9.05
CA THR A 117 29.41 37.22 -7.60
C THR A 117 28.07 36.68 -7.12
N PHE A 118 26.96 37.26 -7.58
CA PHE A 118 25.64 36.84 -7.12
C PHE A 118 25.36 35.39 -7.51
N PHE A 119 25.66 35.02 -8.76
CA PHE A 119 25.38 33.67 -9.20
C PHE A 119 26.30 32.65 -8.55
N SER A 120 27.56 33.01 -8.30
CA SER A 120 28.45 32.09 -7.59
C SER A 120 27.94 31.84 -6.17
N LEU A 121 27.57 32.91 -5.46
CA LEU A 121 26.99 32.73 -4.13
C LEU A 121 25.73 31.88 -4.19
N ALA A 122 24.90 32.08 -5.21
CA ALA A 122 23.65 31.33 -5.31
C ALA A 122 23.90 29.85 -5.51
N THR A 123 24.80 29.51 -6.45
CA THR A 123 25.09 28.10 -6.70
C THR A 123 25.75 27.44 -5.49
N MET A 124 26.69 28.14 -4.84
CA MET A 124 27.34 27.56 -3.68
C MET A 124 26.35 27.35 -2.54
N LEU A 125 25.44 28.30 -2.32
CA LEU A 125 24.44 28.14 -1.26
C LEU A 125 23.44 27.04 -1.59
N MET A 126 23.12 26.87 -2.87
CA MET A 126 22.22 25.77 -3.24
C MET A 126 22.87 24.42 -3.00
N LEU A 127 24.16 24.30 -3.35
CA LEU A 127 24.87 23.06 -3.05
C LEU A 127 24.96 22.82 -1.55
N PHE A 128 25.18 23.89 -0.78
CA PHE A 128 25.20 23.76 0.68
C PHE A 128 23.86 23.26 1.21
N ALA A 129 22.76 23.81 0.70
CA ALA A 129 21.44 23.38 1.15
C ALA A 129 21.18 21.92 0.80
N MET A 130 21.57 21.49 -0.41
CA MET A 130 21.38 20.10 -0.78
C MET A 130 22.21 19.15 0.08
N ALA A 131 23.47 19.51 0.33
CA ALA A 131 24.31 18.67 1.18
C ALA A 131 23.76 18.60 2.60
N LEU A 132 23.26 19.72 3.11
CA LEU A 132 22.68 19.71 4.47
C LEU A 132 21.42 18.87 4.51
N GLU A 133 20.60 18.93 3.47
CA GLU A 133 19.41 18.10 3.42
C GLU A 133 19.78 16.62 3.43
N ARG A 134 20.75 16.22 2.61
CA ARG A 134 21.17 14.83 2.59
C ARG A 134 21.75 14.40 3.93
N TYR A 135 22.52 15.29 4.56
CA TYR A 135 23.16 14.99 5.85
C TYR A 135 22.17 14.73 6.98
N LEU A 136 21.14 15.56 7.07
CA LEU A 136 20.07 15.36 8.05
C LEU A 136 19.23 14.14 7.71
N SER A 137 19.14 13.83 6.44
CA SER A 137 18.33 12.69 6.02
C SER A 137 18.99 11.37 6.39
N ILE A 138 20.32 11.28 6.32
CA ILE A 138 20.98 10.01 6.58
C ILE A 138 21.58 10.00 7.98
N GLY A 139 21.91 11.16 8.51
CA GLY A 139 22.59 11.22 9.78
C GLY A 139 21.67 11.25 10.98
N HIS A 140 20.57 11.97 10.87
CA HIS A 140 19.60 12.12 11.96
C HIS A 140 18.21 11.84 11.39
N PRO A 141 17.85 10.57 11.25
CA PRO A 141 16.59 10.25 10.55
C PRO A 141 15.37 10.65 11.34
N TYR A 142 15.28 10.29 12.61
CA TYR A 142 14.11 10.60 13.41
C TYR A 142 13.83 12.10 13.40
N PHE A 143 14.83 12.92 13.73
CA PHE A 143 14.65 14.37 13.69
C PHE A 143 14.22 14.83 12.30
N TYR A 144 14.76 14.22 11.26
CA TYR A 144 14.38 14.64 9.91
C TYR A 144 12.99 14.15 9.57
N GLN A 145 12.55 13.11 10.26
CA GLN A 145 11.23 12.52 10.01
C GLN A 145 10.05 13.46 10.25
N ARG A 146 10.11 14.26 11.31
CA ARG A 146 9.02 15.17 11.60
C ARG A 146 9.16 16.61 11.12
N ARG A 147 10.27 17.25 11.48
CA ARG A 147 10.53 18.65 11.16
C ARG A 147 10.68 19.08 9.71
N VAL A 148 11.33 18.27 8.89
CA VAL A 148 11.53 18.68 7.52
C VAL A 148 10.49 18.06 6.61
N SER A 149 9.70 18.94 5.99
CA SER A 149 8.66 18.57 5.05
C SER A 149 8.89 19.20 3.69
N ARG A 150 8.36 18.57 2.66
CA ARG A 150 8.54 19.01 1.29
C ARG A 150 7.98 20.38 0.98
N SER A 151 6.92 20.76 1.68
CA SER A 151 6.25 22.02 1.40
C SER A 151 7.17 23.20 1.64
N GLY A 152 7.98 23.16 2.71
CA GLY A 152 8.93 24.22 2.97
C GLY A 152 10.14 24.20 2.07
N GLY A 153 10.14 23.35 1.05
CA GLY A 153 11.31 23.23 0.19
C GLY A 153 11.40 24.33 -0.85
N LEU A 154 10.26 24.88 -1.26
CA LEU A 154 10.29 25.92 -2.27
C LEU A 154 10.87 27.21 -1.73
N ALA A 155 10.92 27.37 -0.41
CA ALA A 155 11.36 28.63 0.17
C ALA A 155 12.87 28.81 0.17
N VAL A 156 13.62 27.74 -0.12
CA VAL A 156 15.07 27.83 -0.11
C VAL A 156 15.63 28.81 -1.14
N LEU A 157 15.05 28.82 -2.34
CA LEU A 157 15.50 29.72 -3.40
C LEU A 157 15.32 31.20 -3.10
N PRO A 158 14.17 31.56 -2.51
CA PRO A 158 13.85 32.95 -2.17
C PRO A 158 14.79 33.58 -1.13
N VAL A 159 15.16 32.82 -0.11
CA VAL A 159 16.02 33.33 0.95
C VAL A 159 17.49 33.30 0.51
N ILE A 160 17.85 32.30 -0.30
CA ILE A 160 19.20 32.24 -0.86
C ILE A 160 19.45 33.44 -1.76
N TYR A 161 18.49 33.75 -2.64
CA TYR A 161 18.62 34.94 -3.48
C TYR A 161 18.70 36.21 -2.64
N ALA A 162 17.93 36.28 -1.55
CA ALA A 162 17.96 37.46 -0.69
C ALA A 162 19.36 37.67 -0.11
N VAL A 163 19.89 36.64 0.55
CA VAL A 163 21.21 36.80 1.17
C VAL A 163 22.29 37.01 0.13
N SER A 164 22.13 36.42 -1.07
CA SER A 164 23.12 36.63 -2.12
C SER A 164 23.08 38.06 -2.63
N LEU A 165 21.88 38.62 -2.83
CA LEU A 165 21.78 40.03 -3.22
C LEU A 165 22.38 40.94 -2.16
N LEU A 166 22.13 40.65 -0.88
CA LEU A 166 22.74 41.47 0.17
C LEU A 166 24.27 41.42 0.07
N PHE A 167 24.85 40.22 0.10
CA PHE A 167 26.30 40.11 0.17
C PHE A 167 26.99 40.43 -1.16
N CYS A 168 26.25 40.53 -2.26
CA CYS A 168 26.85 40.91 -3.53
C CYS A 168 26.60 42.37 -3.89
N SER A 169 25.60 43.00 -3.29
CA SER A 169 25.37 44.43 -3.46
C SER A 169 26.04 45.26 -2.38
N LEU A 170 26.58 44.61 -1.34
CA LEU A 170 27.46 45.32 -0.41
C LEU A 170 28.51 46.18 -1.12
N PRO A 171 29.27 45.69 -2.11
CA PRO A 171 30.28 46.57 -2.73
C PRO A 171 29.71 47.56 -3.72
N LEU A 172 28.56 47.22 -4.32
CA LEU A 172 27.97 48.09 -5.34
C LEU A 172 27.64 49.47 -4.79
N LEU A 173 27.46 49.60 -3.48
CA LEU A 173 27.28 50.89 -2.84
C LEU A 173 28.61 51.62 -2.61
N ASP A 174 29.63 51.22 -3.37
CA ASP A 174 31.00 51.74 -3.32
C ASP A 174 31.76 51.30 -2.07
N TYR A 175 31.29 50.27 -1.36
CA TYR A 175 32.09 49.67 -0.31
C TYR A 175 33.24 48.83 -0.87
N GLY A 176 33.18 48.46 -2.14
CA GLY A 176 34.25 47.73 -2.80
C GLY A 176 34.59 48.35 -4.14
N GLN A 177 35.04 47.55 -5.09
CA GLN A 177 35.37 48.07 -6.41
C GLN A 177 35.43 46.93 -7.41
N TYR A 178 34.96 47.18 -8.62
CA TYR A 178 35.06 46.25 -9.73
C TYR A 178 36.04 46.77 -10.76
N VAL A 179 36.82 45.85 -11.33
CA VAL A 179 37.84 46.19 -12.32
C VAL A 179 37.86 45.09 -13.37
N GLN A 180 38.25 45.45 -14.58
CA GLN A 180 38.40 44.52 -15.68
C GLN A 180 39.76 43.85 -15.62
N TYR A 181 39.79 42.55 -15.90
CA TYR A 181 40.99 41.75 -15.75
C TYR A 181 41.78 41.70 -17.06
N CYS A 182 43.02 41.25 -16.95
CA CYS A 182 43.96 41.33 -18.06
C CYS A 182 43.46 40.74 -19.38
N PRO A 183 42.76 39.59 -19.41
CA PRO A 183 42.22 39.14 -20.70
C PRO A 183 41.22 40.11 -21.31
N GLY A 184 40.67 41.02 -20.54
CA GLY A 184 39.79 42.05 -21.07
C GLY A 184 38.36 41.59 -21.23
N THR A 185 38.14 40.28 -21.24
CA THR A 185 36.84 39.71 -21.51
C THR A 185 35.97 39.57 -20.27
N TRP A 186 36.45 39.96 -19.10
CA TRP A 186 35.67 39.78 -17.87
C TRP A 186 36.07 40.83 -16.86
N CYS A 187 35.18 41.06 -15.90
CA CYS A 187 35.34 42.05 -14.84
C CYS A 187 35.02 41.36 -13.53
N PHE A 188 35.71 41.77 -12.48
CA PHE A 188 35.57 41.10 -11.18
C PHE A 188 36.13 42.02 -10.09
N ILE A 189 36.05 41.56 -8.84
CA ILE A 189 36.49 42.35 -7.70
C ILE A 189 37.97 42.68 -7.82
N ARG A 190 38.32 43.89 -7.39
CA ARG A 190 39.69 44.38 -7.50
C ARG A 190 40.50 43.99 -6.27
N HIS A 191 41.73 43.54 -6.51
CA HIS A 191 42.65 43.20 -5.43
C HIS A 191 43.16 44.47 -4.76
N GLY A 192 43.28 44.44 -3.44
CA GLY A 192 43.85 45.53 -2.68
C GLY A 192 42.91 46.71 -2.55
N ARG A 193 43.30 47.64 -1.66
CA ARG A 193 42.58 48.88 -1.41
C ARG A 193 41.18 48.62 -0.85
N THR A 194 40.88 47.35 -0.56
CA THR A 194 39.57 46.96 -0.07
C THR A 194 39.75 45.64 0.70
N ALA A 195 38.75 45.31 1.53
CA ALA A 195 38.76 44.05 2.26
C ALA A 195 37.58 43.18 1.85
N TYR A 196 37.10 43.33 0.62
CA TYR A 196 35.93 42.59 0.16
C TYR A 196 36.29 41.24 -0.45
N LEU A 197 37.41 41.16 -1.18
CA LEU A 197 37.78 39.91 -1.82
C LEU A 197 38.05 38.83 -0.79
N GLN A 198 38.75 39.18 0.29
CA GLN A 198 39.03 38.19 1.32
C GLN A 198 37.75 37.72 2.00
N LEU A 199 36.77 38.61 2.17
CA LEU A 199 35.51 38.20 2.77
C LEU A 199 34.73 37.26 1.85
N TYR A 200 34.68 37.58 0.55
CA TYR A 200 34.04 36.68 -0.41
C TYR A 200 34.73 35.31 -0.40
N ALA A 201 36.07 35.31 -0.41
CA ALA A 201 36.80 34.06 -0.44
C ALA A 201 36.58 33.23 0.82
N THR A 202 36.55 33.88 1.99
CA THR A 202 36.36 33.13 3.22
C THR A 202 34.93 32.64 3.37
N LEU A 203 33.95 33.37 2.84
CA LEU A 203 32.57 32.87 2.85
C LEU A 203 32.45 31.62 1.96
N LEU A 204 33.00 31.69 0.75
CA LEU A 204 32.96 30.52 -0.12
C LEU A 204 33.75 29.37 0.48
N LEU A 205 34.84 29.67 1.19
CA LEU A 205 35.61 28.60 1.82
C LEU A 205 34.84 27.94 2.94
N LEU A 206 34.11 28.72 3.73
CA LEU A 206 33.27 28.12 4.77
C LEU A 206 32.18 27.24 4.16
N LEU A 207 31.54 27.73 3.10
CA LEU A 207 30.52 26.91 2.45
C LEU A 207 31.11 25.61 1.89
N ILE A 208 32.31 25.70 1.30
CA ILE A 208 32.95 24.51 0.74
C ILE A 208 33.29 23.51 1.84
N VAL A 209 33.88 24.00 2.95
CA VAL A 209 34.24 23.13 4.05
C VAL A 209 33.01 22.46 4.63
N SER A 210 31.90 23.20 4.74
CA SER A 210 30.68 22.62 5.27
C SER A 210 30.11 21.55 4.33
N VAL A 211 30.11 21.82 3.02
CA VAL A 211 29.64 20.82 2.08
C VAL A 211 30.48 19.55 2.16
N LEU A 212 31.79 19.70 2.25
CA LEU A 212 32.66 18.53 2.31
C LEU A 212 32.45 17.75 3.61
N ALA A 213 32.27 18.46 4.72
CA ALA A 213 32.00 17.78 5.99
C ALA A 213 30.70 17.00 5.92
N CYS A 214 29.65 17.60 5.36
CA CYS A 214 28.38 16.89 5.23
C CYS A 214 28.52 15.66 4.34
N ASN A 215 29.22 15.79 3.22
CA ASN A 215 29.38 14.65 2.33
C ASN A 215 30.18 13.53 2.98
N PHE A 216 31.22 13.87 3.73
CA PHE A 216 32.00 12.83 4.39
C PHE A 216 31.21 12.15 5.50
N SER A 217 30.38 12.92 6.22
CA SER A 217 29.53 12.31 7.23
C SER A 217 28.50 11.36 6.60
N VAL A 218 27.93 11.74 5.46
CA VAL A 218 26.98 10.85 4.79
C VAL A 218 27.69 9.59 4.28
N ILE A 219 28.92 9.74 3.79
CA ILE A 219 29.67 8.57 3.36
C ILE A 219 29.93 7.64 4.54
N LEU A 220 30.28 8.21 5.70
CA LEU A 220 30.50 7.39 6.88
C LEU A 220 29.25 6.64 7.28
N ASN A 221 28.10 7.32 7.26
CA ASN A 221 26.84 6.67 7.64
C ASN A 221 26.46 5.58 6.65
N LEU A 222 26.69 5.81 5.35
CA LEU A 222 26.41 4.78 4.36
C LEU A 222 27.28 3.56 4.58
N ILE A 223 28.57 3.75 4.87
CA ILE A 223 29.45 2.62 5.16
C ILE A 223 28.98 1.88 6.41
N ARG A 224 28.53 2.62 7.42
CA ARG A 224 28.08 1.98 8.65
C ARG A 224 26.82 1.16 8.42
N MET A 225 25.88 1.66 7.62
CA MET A 225 24.66 0.91 7.34
C MET A 225 24.89 -0.18 6.31
N HIS A 226 26.03 -0.16 5.61
CA HIS A 226 26.42 -1.30 4.79
C HIS A 226 27.12 -2.38 5.63
N ARG A 227 27.76 -1.97 6.72
CA ARG A 227 28.39 -2.94 7.61
C ARG A 227 27.37 -3.57 8.56
N ARG A 228 26.32 -2.83 8.93
CA ARG A 228 25.30 -3.39 9.81
C ARG A 228 24.44 -4.42 9.08
N SER A 229 24.32 -4.30 7.76
CA SER A 229 23.52 -5.24 6.99
C SER A 229 24.26 -6.56 6.79
N ALA A 257 23.87 -4.69 -3.69
CA ALA A 257 23.01 -3.81 -2.90
C ALA A 257 23.01 -2.40 -3.46
N GLU A 258 22.53 -1.45 -2.66
CA GLU A 258 22.48 -0.04 -3.06
C GLU A 258 23.45 0.85 -2.29
N GLU A 259 23.88 0.44 -1.10
CA GLU A 259 24.79 1.27 -0.31
C GLU A 259 26.10 1.48 -1.06
N THR A 260 26.61 0.44 -1.72
CA THR A 260 27.87 0.57 -2.44
C THR A 260 27.77 1.55 -3.61
N ASP A 261 26.63 1.55 -4.30
CA ASP A 261 26.50 2.42 -5.47
C ASP A 261 26.22 3.86 -5.05
N HIS A 262 25.45 4.04 -3.96
CA HIS A 262 25.34 5.35 -3.36
C HIS A 262 26.72 5.87 -2.94
N LEU A 263 27.55 5.00 -2.38
CA LEU A 263 28.92 5.39 -2.02
C LEU A 263 29.71 5.82 -3.24
N ILE A 264 29.61 5.07 -4.35
CA ILE A 264 30.34 5.43 -5.56
C ILE A 264 29.93 6.82 -6.03
N LEU A 265 28.61 7.05 -6.14
CA LEU A 265 28.12 8.33 -6.64
C LEU A 265 28.53 9.46 -5.70
N LEU A 266 28.40 9.26 -4.39
CA LEU A 266 28.70 10.33 -3.45
C LEU A 266 30.20 10.62 -3.41
N ALA A 267 31.03 9.59 -3.58
CA ALA A 267 32.48 9.79 -3.59
C ALA A 267 32.91 10.58 -4.83
N ILE A 268 32.37 10.23 -6.00
CA ILE A 268 32.75 10.98 -7.19
C ILE A 268 32.23 12.41 -7.09
N MET A 269 31.04 12.60 -6.50
CA MET A 269 30.52 13.95 -6.31
C MET A 269 31.42 14.76 -5.40
N THR A 270 31.85 14.18 -4.27
CA THR A 270 32.73 14.90 -3.35
C THR A 270 34.06 15.25 -4.01
N ILE A 271 34.61 14.32 -4.81
CA ILE A 271 35.90 14.60 -5.43
C ILE A 271 35.78 15.72 -6.46
N THR A 272 34.77 15.64 -7.34
CA THR A 272 34.62 16.69 -8.33
C THR A 272 34.22 18.03 -7.72
N PHE A 273 33.63 18.04 -6.52
CA PHE A 273 33.36 19.32 -5.89
C PHE A 273 34.61 19.89 -5.22
N ALA A 274 35.39 19.05 -4.55
CA ALA A 274 36.57 19.54 -3.84
C ALA A 274 37.72 19.88 -4.77
N VAL A 275 37.74 19.33 -5.99
CA VAL A 275 38.81 19.65 -6.91
C VAL A 275 38.48 20.88 -7.77
N CYS A 276 37.19 21.20 -7.93
CA CYS A 276 36.76 22.26 -8.83
C CYS A 276 36.28 23.51 -8.10
N SER A 277 36.54 23.61 -6.79
CA SER A 277 36.14 24.79 -6.04
C SER A 277 37.23 25.35 -5.14
N LEU A 278 38.21 24.56 -4.73
CA LEU A 278 39.34 25.01 -3.94
C LEU A 278 40.36 25.81 -4.73
N PRO A 279 40.62 25.51 -6.01
CA PRO A 279 41.53 26.37 -6.79
C PRO A 279 41.22 27.86 -6.70
N PHE A 280 39.94 28.23 -6.81
CA PHE A 280 39.59 29.64 -6.70
C PHE A 280 39.94 30.20 -5.34
N THR A 281 39.57 29.49 -4.28
CA THR A 281 39.82 29.99 -2.93
C THR A 281 41.30 30.13 -2.63
N ILE A 282 42.13 29.20 -3.11
CA ILE A 282 43.55 29.31 -2.86
C ILE A 282 44.17 30.42 -3.71
N PHE A 283 43.72 30.56 -4.96
CA PHE A 283 44.23 31.64 -5.80
C PHE A 283 43.64 33.00 -5.45
N ALA A 284 42.71 33.06 -4.50
CA ALA A 284 42.16 34.35 -4.07
C ALA A 284 42.88 34.93 -2.87
N TYR A 285 43.87 34.23 -2.31
CA TYR A 285 44.67 34.72 -1.19
C TYR A 285 46.12 34.98 -1.61
N MET A 286 46.33 35.47 -2.83
CA MET A 286 47.67 35.67 -3.37
C MET A 286 47.79 37.09 -3.93
N ASN A 287 49.03 37.46 -4.24
CA ASN A 287 49.31 38.80 -4.73
C ASN A 287 48.73 39.02 -6.11
N GLU A 288 48.32 40.26 -6.38
CA GLU A 288 47.74 40.58 -7.67
C GLU A 288 48.78 40.56 -8.79
N THR A 289 50.07 40.69 -8.45
CA THR A 289 51.11 40.67 -9.47
C THR A 289 51.30 39.27 -10.03
N SER A 290 51.53 38.28 -9.16
CA SER A 290 51.76 36.91 -9.63
C SER A 290 50.49 36.27 -10.16
N SER A 291 49.32 36.78 -9.76
CA SER A 291 48.06 36.21 -10.24
C SER A 291 47.82 36.57 -11.69
N ARG A 292 47.81 37.87 -12.00
CA ARG A 292 47.49 38.31 -13.36
C ARG A 292 48.61 37.98 -14.32
N LYS A 293 49.87 38.08 -13.88
CA LYS A 293 50.99 37.85 -14.78
C LYS A 293 51.09 36.38 -15.19
N GLU A 294 50.85 35.47 -14.25
CA GLU A 294 50.93 34.04 -14.53
C GLU A 294 49.65 33.48 -15.15
N LYS A 295 48.58 34.27 -15.19
CA LYS A 295 47.32 33.87 -15.82
C LYS A 295 46.75 32.62 -15.18
N TRP A 296 46.59 32.65 -13.86
CA TRP A 296 45.92 31.59 -13.13
C TRP A 296 44.54 31.97 -12.64
N ASP A 297 44.28 33.26 -12.44
CA ASP A 297 42.97 33.71 -11.97
C ASP A 297 41.86 33.39 -12.95
N LEU A 298 42.19 33.14 -14.22
CA LEU A 298 41.18 32.73 -15.19
C LEU A 298 40.75 31.30 -14.94
N GLN A 299 41.71 30.39 -14.81
CA GLN A 299 41.38 29.01 -14.51
C GLN A 299 40.76 28.85 -13.13
N ALA A 300 41.11 29.75 -12.20
CA ALA A 300 40.50 29.72 -10.87
C ALA A 300 38.98 29.85 -10.96
N LEU A 301 38.49 30.67 -11.88
CA LEU A 301 37.05 30.82 -12.07
C LEU A 301 36.50 29.76 -13.03
N ARG A 302 37.29 29.34 -14.00
CA ARG A 302 36.84 28.30 -14.92
C ARG A 302 36.58 26.98 -14.19
N PHE A 303 37.32 26.73 -13.12
CA PHE A 303 37.10 25.50 -12.35
C PHE A 303 35.79 25.57 -11.57
N LEU A 304 35.50 26.72 -10.96
CA LEU A 304 34.20 26.90 -10.31
C LEU A 304 33.07 26.74 -11.32
N SER A 305 33.28 27.25 -12.54
CA SER A 305 32.28 27.10 -13.59
C SER A 305 32.08 25.64 -13.98
N ILE A 306 33.16 24.88 -14.17
CA ILE A 306 33.00 23.49 -14.56
C ILE A 306 32.42 22.68 -13.41
N ASN A 307 32.60 23.14 -12.18
CA ASN A 307 31.85 22.57 -11.06
C ASN A 307 30.36 22.76 -11.26
N SER A 308 29.95 23.99 -11.60
CA SER A 308 28.54 24.24 -11.88
C SER A 308 28.05 23.43 -13.08
N ILE A 309 28.94 23.06 -13.99
CA ILE A 309 28.57 22.22 -15.13
C ILE A 309 28.40 20.77 -14.71
N ILE A 310 29.30 20.27 -13.86
CA ILE A 310 29.32 18.86 -13.49
C ILE A 310 28.16 18.55 -12.54
N ASP A 311 27.82 19.47 -11.65
CA ASP A 311 26.82 19.21 -10.62
C ASP A 311 25.52 18.62 -11.16
N PRO A 312 24.84 19.24 -12.15
CA PRO A 312 23.58 18.66 -12.62
C PRO A 312 23.73 17.28 -13.22
N TRP A 313 24.88 17.01 -13.85
CA TRP A 313 25.13 15.69 -14.42
C TRP A 313 25.05 14.61 -13.35
N VAL A 314 25.86 14.74 -12.28
CA VAL A 314 25.87 13.73 -11.22
C VAL A 314 24.69 13.86 -10.26
N PHE A 315 23.86 14.90 -10.39
CA PHE A 315 22.66 14.97 -9.57
C PHE A 315 21.41 14.44 -10.27
N ALA A 316 21.37 14.42 -11.60
CA ALA A 316 20.18 13.98 -12.31
C ALA A 316 20.40 12.86 -13.30
N ILE A 317 21.57 12.78 -13.93
CA ILE A 317 21.78 11.81 -15.01
C ILE A 317 22.33 10.50 -14.49
N LEU A 318 23.29 10.54 -13.57
CA LEU A 318 23.98 9.35 -13.08
C LEU A 318 23.41 8.85 -11.76
N ARG A 319 22.08 8.79 -11.69
CA ARG A 319 21.36 8.38 -10.48
C ARG A 319 21.78 6.97 -10.09
N PRO A 320 21.75 6.67 -8.78
CA PRO A 320 22.27 5.35 -8.35
C PRO A 320 21.68 4.18 -9.12
N PRO A 321 20.41 4.21 -9.53
CA PRO A 321 19.94 3.11 -10.38
C PRO A 321 20.72 2.94 -11.68
N VAL A 322 21.03 4.05 -12.35
CA VAL A 322 21.76 3.98 -13.61
C VAL A 322 23.15 3.36 -13.39
N LEU A 323 23.86 3.85 -12.38
CA LEU A 323 25.19 3.33 -12.11
C LEU A 323 25.14 1.88 -11.66
N ARG A 324 24.10 1.51 -10.91
CA ARG A 324 23.97 0.12 -10.47
C ARG A 324 23.75 -0.82 -11.65
N LEU A 325 22.83 -0.46 -12.54
CA LEU A 325 22.58 -1.31 -13.70
C LEU A 325 23.78 -1.34 -14.63
N MET A 326 24.51 -0.23 -14.73
CA MET A 326 25.71 -0.22 -15.56
C MET A 326 26.79 -1.12 -15.00
N ARG A 327 27.04 -1.05 -13.69
CA ARG A 327 28.03 -1.91 -13.06
C ARG A 327 27.59 -3.37 -13.06
N SER A 328 26.27 -3.61 -13.12
CA SER A 328 25.78 -4.98 -13.26
C SER A 328 26.04 -5.52 -14.66
N VAL A 329 25.74 -4.73 -15.69
CA VAL A 329 25.96 -5.18 -17.06
C VAL A 329 27.42 -5.02 -17.44
N LEU A 330 27.93 -3.79 -17.41
CA LEU A 330 29.31 -3.48 -17.76
C LEU A 330 29.66 -3.99 -19.16
N GLN B 12 -26.12 33.11 -1.88
CA GLN B 12 -25.60 34.46 -1.78
C GLN B 12 -24.11 34.45 -1.43
N ARG B 13 -23.67 35.46 -0.67
CA ARG B 13 -22.28 35.55 -0.28
C ARG B 13 -22.06 35.28 1.21
N ASN B 14 -23.08 35.50 2.04
CA ASN B 14 -22.90 35.33 3.47
C ASN B 14 -22.63 33.88 3.84
N GLU B 15 -23.45 32.96 3.33
CA GLU B 15 -23.24 31.55 3.60
C GLU B 15 -21.91 31.07 3.02
N GLU B 16 -21.52 31.61 1.87
CA GLU B 16 -20.27 31.18 1.25
C GLU B 16 -19.07 31.64 2.08
N LYS B 17 -19.12 32.87 2.61
CA LYS B 17 -18.03 33.33 3.46
C LYS B 17 -18.00 32.60 4.79
N ALA B 18 -19.18 32.25 5.33
CA ALA B 18 -19.22 31.41 6.53
C ALA B 18 -18.59 30.05 6.26
N GLN B 19 -18.86 29.48 5.09
CA GLN B 19 -18.27 28.20 4.72
C GLN B 19 -16.76 28.33 4.57
N ARG B 20 -16.27 29.44 4.02
CA ARG B 20 -14.84 29.63 3.90
C ARG B 20 -14.17 29.80 5.25
N GLU B 21 -14.83 30.52 6.18
CA GLU B 21 -14.34 30.60 7.54
C GLU B 21 -14.21 29.22 8.16
N ALA B 22 -15.26 28.40 8.03
CA ALA B 22 -15.24 27.06 8.59
C ALA B 22 -14.14 26.21 7.95
N ASN B 23 -13.94 26.34 6.64
CA ASN B 23 -12.91 25.58 5.96
C ASN B 23 -11.52 26.00 6.42
N LYS B 24 -11.30 27.30 6.61
CA LYS B 24 -9.99 27.75 7.06
C LYS B 24 -9.70 27.27 8.47
N LYS B 25 -10.71 27.31 9.35
CA LYS B 25 -10.52 26.78 10.70
C LYS B 25 -10.22 25.29 10.68
N ILE B 26 -10.99 24.53 9.88
CA ILE B 26 -10.76 23.09 9.77
C ILE B 26 -9.35 22.81 9.26
N GLU B 27 -8.86 23.61 8.32
CA GLU B 27 -7.54 23.36 7.76
C GLU B 27 -6.44 23.71 8.75
N LYS B 28 -6.61 24.80 9.51
CA LYS B 28 -5.61 25.14 10.51
C LYS B 28 -5.58 24.10 11.63
N GLN B 29 -6.69 23.40 11.87
CA GLN B 29 -6.65 22.29 12.82
C GLN B 29 -6.01 21.04 12.19
N LEU B 30 -6.31 20.78 10.92
CA LEU B 30 -5.72 19.63 10.24
C LEU B 30 -4.21 19.76 10.14
N GLN B 31 -3.69 20.98 10.11
CA GLN B 31 -2.24 21.15 10.09
C GLN B 31 -1.62 20.71 11.43
N LYS B 32 -2.21 21.13 12.54
CA LYS B 32 -1.74 20.67 13.84
C LYS B 32 -1.85 19.17 13.98
N ASP B 33 -2.89 18.57 13.37
CA ASP B 33 -3.03 17.11 13.44
C ASP B 33 -2.00 16.41 12.56
N LYS B 34 -1.70 16.98 11.40
CA LYS B 34 -0.68 16.42 10.51
C LYS B 34 0.69 16.47 11.16
N GLN B 35 0.99 17.54 11.90
CA GLN B 35 2.30 17.62 12.53
C GLN B 35 2.47 16.55 13.62
N VAL B 36 1.37 16.08 14.21
CA VAL B 36 1.44 15.03 15.22
C VAL B 36 1.41 13.64 14.58
N TYR B 37 0.73 13.48 13.44
CA TYR B 37 0.69 12.19 12.77
C TYR B 37 2.05 11.79 12.20
N ARG B 38 2.92 12.76 11.96
CA ARG B 38 4.23 12.48 11.37
C ARG B 38 5.31 12.16 12.41
N ALA B 39 5.14 12.62 13.64
CA ALA B 39 6.11 12.34 14.70
C ALA B 39 5.92 10.97 15.33
N THR B 40 4.90 10.22 14.93
CA THR B 40 4.57 8.94 15.51
C THR B 40 4.89 7.81 14.53
N HIS B 41 5.37 6.70 15.06
CA HIS B 41 5.69 5.51 14.27
C HIS B 41 4.84 4.35 14.78
N ARG B 42 4.00 3.81 13.92
CA ARG B 42 3.08 2.75 14.29
C ARG B 42 3.69 1.39 13.98
N LEU B 43 3.62 0.50 14.96
CA LEU B 43 4.17 -0.85 14.84
C LEU B 43 3.03 -1.85 15.00
N LEU B 44 3.14 -2.98 14.30
CA LEU B 44 2.12 -4.03 14.40
C LEU B 44 2.73 -5.24 15.11
N LEU B 45 2.30 -5.48 16.34
CA LEU B 45 2.76 -6.64 17.10
C LEU B 45 1.91 -7.85 16.68
N LEU B 46 2.50 -8.73 15.88
CA LEU B 46 1.78 -9.87 15.31
C LEU B 46 2.52 -11.15 15.71
N GLY B 47 2.20 -11.64 16.90
CA GLY B 47 2.79 -12.87 17.38
C GLY B 47 2.05 -14.10 16.90
N ALA B 48 2.66 -15.25 17.12
CA ALA B 48 2.07 -16.51 16.72
C ALA B 48 0.92 -16.95 17.62
N GLY B 49 0.65 -16.20 18.69
CA GLY B 49 -0.43 -16.54 19.60
C GLY B 49 0.02 -17.47 20.69
N GLU B 50 -0.10 -17.04 21.94
CA GLU B 50 0.45 -17.78 23.09
C GLU B 50 1.90 -18.17 22.84
N SER B 51 2.67 -17.24 22.26
CA SER B 51 4.05 -17.49 21.88
C SER B 51 5.05 -16.65 22.65
N GLY B 52 4.59 -15.74 23.49
CA GLY B 52 5.47 -14.86 24.23
C GLY B 52 5.33 -13.39 23.92
N LYS B 53 4.42 -13.01 23.03
CA LYS B 53 4.19 -11.59 22.76
C LYS B 53 3.61 -10.88 23.98
N ASN B 54 2.94 -11.62 24.86
CA ASN B 54 2.38 -11.02 26.06
C ASN B 54 3.48 -10.46 26.96
N THR B 55 4.57 -11.21 27.14
CA THR B 55 5.69 -10.70 27.93
C THR B 55 6.29 -9.46 27.31
N ILE B 56 6.43 -9.45 25.98
CA ILE B 56 7.03 -8.31 25.31
C ILE B 56 6.16 -7.07 25.45
N VAL B 57 4.84 -7.21 25.35
CA VAL B 57 3.98 -6.04 25.55
C VAL B 57 3.88 -5.66 27.02
N LYS B 58 4.09 -6.62 27.93
CA LYS B 58 4.21 -6.28 29.35
C LYS B 58 5.48 -5.51 29.65
N GLN B 59 6.49 -5.68 28.80
CA GLN B 59 7.77 -5.00 28.99
C GLN B 59 7.68 -3.55 28.51
N MET B 60 6.88 -3.32 27.47
CA MET B 60 6.70 -1.99 26.91
C MET B 60 5.57 -1.25 27.61
N SER B 205 -10.77 -4.25 23.42
CA SER B 205 -11.89 -4.46 22.51
C SER B 205 -11.46 -5.30 21.31
N GLY B 206 -11.55 -4.73 20.12
CA GLY B 206 -11.10 -5.42 18.92
C GLY B 206 -9.62 -5.27 18.64
N ILE B 207 -8.99 -4.26 19.21
CA ILE B 207 -7.56 -4.06 19.02
C ILE B 207 -6.99 -3.30 20.22
N PHE B 208 -5.90 -3.80 20.78
CA PHE B 208 -5.23 -3.19 21.91
C PHE B 208 -4.06 -2.35 21.44
N GLU B 209 -3.79 -1.26 22.15
CA GLU B 209 -2.74 -0.33 21.76
C GLU B 209 -1.85 -0.02 22.96
N THR B 210 -0.54 0.04 22.70
CA THR B 210 0.45 0.35 23.73
C THR B 210 1.36 1.44 23.19
N LYS B 211 1.39 2.58 23.88
CA LYS B 211 2.26 3.68 23.51
C LYS B 211 3.52 3.66 24.36
N PHE B 212 4.66 3.88 23.73
CA PHE B 212 5.89 4.07 24.48
C PHE B 212 6.79 5.07 23.78
N GLN B 213 7.88 5.43 24.43
CA GLN B 213 8.74 6.51 23.95
C GLN B 213 10.19 6.13 24.20
N VAL B 214 11.03 6.30 23.19
CA VAL B 214 12.46 6.02 23.28
C VAL B 214 13.19 7.20 22.65
N ASP B 215 14.02 7.88 23.44
CA ASP B 215 14.84 9.01 22.99
C ASP B 215 13.96 10.07 22.32
N LYS B 216 12.86 10.42 22.99
CA LYS B 216 11.91 11.41 22.49
C LYS B 216 11.33 11.04 21.14
N VAL B 217 11.24 9.74 20.85
CA VAL B 217 10.52 9.25 19.69
C VAL B 217 9.35 8.42 20.18
N ASN B 218 8.17 8.66 19.62
CA ASN B 218 6.93 8.03 20.06
C ASN B 218 6.59 6.84 19.18
N PHE B 219 6.22 5.73 19.81
CA PHE B 219 5.86 4.50 19.11
C PHE B 219 4.51 4.02 19.60
N HIS B 220 3.67 3.60 18.65
CA HIS B 220 2.40 2.93 18.90
C HIS B 220 2.52 1.48 18.48
N MET B 221 2.14 0.57 19.36
CA MET B 221 2.17 -0.86 19.06
C MET B 221 0.76 -1.41 19.17
N PHE B 222 0.25 -1.97 18.08
CA PHE B 222 -1.10 -2.48 18.02
C PHE B 222 -1.08 -4.00 18.04
N ASP B 223 -2.06 -4.59 18.72
CA ASP B 223 -2.21 -6.04 18.78
C ASP B 223 -3.68 -6.37 18.60
N VAL B 224 -3.99 -7.20 17.59
CA VAL B 224 -5.37 -7.54 17.32
C VAL B 224 -5.90 -8.43 18.43
N GLY B 225 -7.07 -8.07 18.96
CA GLY B 225 -7.66 -8.81 20.06
C GLY B 225 -8.78 -9.71 19.60
N ALA B 226 -10.02 -9.24 19.76
CA ALA B 226 -11.18 -10.04 19.38
C ALA B 226 -11.31 -10.12 17.87
N GLN B 227 -10.45 -10.89 17.23
CA GLN B 227 -10.55 -11.21 15.81
C GLN B 227 -10.55 -12.72 15.63
N ARG B 228 -10.95 -13.16 14.44
CA ARG B 228 -10.93 -14.58 14.13
C ARG B 228 -9.53 -14.99 13.70
N ASP B 229 -9.35 -16.29 13.48
CA ASP B 229 -8.03 -16.80 13.09
C ASP B 229 -7.75 -16.62 11.61
N GLU B 230 -8.66 -16.02 10.85
CA GLU B 230 -8.42 -15.69 9.46
C GLU B 230 -8.01 -14.23 9.35
N ARG B 231 -6.92 -13.97 8.64
CA ARG B 231 -6.30 -12.65 8.67
C ARG B 231 -5.89 -12.17 7.29
N ARG B 232 -6.59 -12.59 6.25
CA ARG B 232 -6.26 -12.13 4.90
C ARG B 232 -7.03 -10.88 4.50
N LYS B 233 -7.86 -10.34 5.39
CA LYS B 233 -8.63 -9.15 5.10
C LYS B 233 -8.31 -7.98 6.01
N TRP B 234 -8.15 -8.21 7.31
CA TRP B 234 -7.82 -7.10 8.22
C TRP B 234 -6.33 -6.85 8.32
N ILE B 235 -5.49 -7.65 7.68
CA ILE B 235 -4.05 -7.38 7.69
C ILE B 235 -3.68 -6.34 6.64
N GLN B 236 -4.48 -6.19 5.59
CA GLN B 236 -4.23 -5.16 4.59
C GLN B 236 -4.30 -3.76 5.19
N CYS B 237 -4.98 -3.60 6.33
CA CYS B 237 -5.01 -2.31 7.00
C CYS B 237 -3.65 -1.89 7.52
N PHE B 238 -2.71 -2.82 7.64
CA PHE B 238 -1.42 -2.55 8.25
C PHE B 238 -0.28 -2.58 7.24
N ASN B 239 -0.51 -2.05 6.04
CA ASN B 239 0.56 -1.97 5.06
C ASN B 239 1.38 -0.69 5.17
N ASP B 240 0.86 0.33 5.85
CA ASP B 240 1.59 1.56 6.07
C ASP B 240 2.33 1.59 7.40
N VAL B 241 2.06 0.62 8.28
CA VAL B 241 2.83 0.45 9.50
C VAL B 241 4.30 0.30 9.16
N THR B 242 5.16 0.99 9.93
CA THR B 242 6.58 1.00 9.60
C THR B 242 7.23 -0.36 9.80
N ALA B 243 6.79 -1.13 10.79
CA ALA B 243 7.40 -2.42 11.06
C ALA B 243 6.38 -3.37 11.68
N ILE B 244 6.48 -4.64 11.29
CA ILE B 244 5.74 -5.72 11.91
C ILE B 244 6.67 -6.44 12.86
N ILE B 245 6.36 -6.40 14.15
CA ILE B 245 7.10 -7.17 15.14
C ILE B 245 6.50 -8.56 15.19
N PHE B 246 7.29 -9.55 14.77
CA PHE B 246 6.84 -10.93 14.62
C PHE B 246 7.49 -11.77 15.71
N VAL B 247 6.71 -12.17 16.70
CA VAL B 247 7.21 -12.99 17.80
C VAL B 247 7.02 -14.46 17.44
N VAL B 248 8.04 -15.27 17.67
CA VAL B 248 8.01 -16.70 17.36
C VAL B 248 8.47 -17.46 18.58
N ALA B 249 7.61 -18.33 19.10
CA ALA B 249 7.97 -19.19 20.22
C ALA B 249 8.93 -20.25 19.74
N SER B 250 10.24 -19.98 19.89
CA SER B 250 11.26 -20.88 19.39
C SER B 250 11.31 -22.21 20.15
N SER B 251 10.70 -22.26 21.33
CA SER B 251 10.66 -23.51 22.09
C SER B 251 9.64 -24.50 21.52
N SER B 252 8.78 -24.05 20.62
CA SER B 252 7.72 -24.90 20.09
C SER B 252 8.22 -25.60 18.82
N TYR B 253 8.29 -26.93 18.87
CA TYR B 253 8.67 -27.73 17.71
C TYR B 253 8.32 -29.19 17.92
N ASN B 264 3.32 -28.94 16.07
CA ASN B 264 4.37 -28.26 15.33
C ASN B 264 4.01 -26.80 15.08
N ARG B 265 4.34 -25.93 16.04
CA ARG B 265 4.05 -24.52 15.92
C ARG B 265 5.12 -23.75 15.17
N LEU B 266 6.35 -24.25 15.13
CA LEU B 266 7.40 -23.56 14.39
C LEU B 266 7.13 -23.56 12.90
N GLN B 267 6.63 -24.67 12.36
CA GLN B 267 6.27 -24.70 10.95
C GLN B 267 5.07 -23.81 10.65
N ALA B 268 4.13 -23.70 11.60
CA ALA B 268 3.01 -22.78 11.42
C ALA B 268 3.49 -21.34 11.39
N ALA B 269 4.42 -20.98 12.28
CA ALA B 269 4.98 -19.63 12.26
C ALA B 269 5.76 -19.38 10.98
N LEU B 270 6.47 -20.41 10.48
CA LEU B 270 7.18 -20.26 9.22
C LEU B 270 6.22 -20.00 8.07
N LYS B 271 5.11 -20.73 8.03
CA LYS B 271 4.13 -20.52 6.96
C LYS B 271 3.48 -19.15 7.06
N LEU B 272 3.19 -18.69 8.29
CA LEU B 272 2.66 -17.35 8.47
C LEU B 272 3.65 -16.29 7.99
N PHE B 273 4.92 -16.44 8.35
CA PHE B 273 5.94 -15.50 7.92
C PHE B 273 6.09 -15.51 6.41
N ASP B 274 5.97 -16.69 5.79
CA ASP B 274 6.08 -16.78 4.34
C ASP B 274 4.89 -16.10 3.66
N SER B 275 3.70 -16.21 4.25
CA SER B 275 2.53 -15.56 3.65
C SER B 275 2.59 -14.06 3.82
N ILE B 276 3.13 -13.58 4.94
CA ILE B 276 3.22 -12.14 5.15
C ILE B 276 4.32 -11.54 4.28
N TRP B 277 5.45 -12.24 4.17
CA TRP B 277 6.57 -11.73 3.37
C TRP B 277 6.19 -11.60 1.91
N ASN B 278 5.42 -12.55 1.38
CA ASN B 278 5.10 -12.61 -0.03
C ASN B 278 3.75 -11.98 -0.38
N ASN B 279 3.09 -11.32 0.57
CA ASN B 279 1.82 -10.68 0.29
C ASN B 279 2.02 -9.49 -0.63
N LYS B 280 0.96 -9.12 -1.35
CA LYS B 280 1.08 -8.07 -2.37
C LYS B 280 1.11 -6.69 -1.73
N TRP B 281 0.42 -6.49 -0.62
CA TRP B 281 0.36 -5.18 0.02
C TRP B 281 1.34 -5.05 1.17
N LEU B 282 1.73 -6.17 1.78
CA LEU B 282 2.77 -6.18 2.80
C LEU B 282 4.16 -6.36 2.21
N ARG B 283 4.33 -6.05 0.93
CA ARG B 283 5.58 -6.28 0.20
C ARG B 283 6.59 -5.17 0.40
N ASP B 284 6.21 -4.06 1.03
CA ASP B 284 7.14 -2.98 1.34
C ASP B 284 7.29 -2.77 2.83
N THR B 285 6.78 -3.67 3.65
CA THR B 285 6.80 -3.52 5.11
C THR B 285 7.83 -4.47 5.69
N SER B 286 8.73 -3.92 6.52
CA SER B 286 9.80 -4.69 7.11
C SER B 286 9.32 -5.40 8.38
N VAL B 287 10.03 -6.47 8.74
CA VAL B 287 9.64 -7.34 9.83
C VAL B 287 10.80 -7.43 10.80
N ILE B 288 10.54 -7.11 12.07
CA ILE B 288 11.48 -7.31 13.16
C ILE B 288 11.09 -8.62 13.84
N LEU B 289 11.93 -9.63 13.70
CA LEU B 289 11.61 -10.99 14.12
C LEU B 289 12.25 -11.28 15.48
N PHE B 290 11.41 -11.58 16.47
CA PHE B 290 11.86 -11.88 17.83
C PHE B 290 11.66 -13.37 18.08
N LEU B 291 12.76 -14.12 18.14
CA LEU B 291 12.71 -15.55 18.39
C LEU B 291 12.77 -15.77 19.89
N ASN B 292 11.60 -15.80 20.52
CA ASN B 292 11.47 -15.79 21.97
C ASN B 292 11.54 -17.23 22.50
N LYS B 293 11.39 -17.35 23.83
CA LYS B 293 11.26 -18.63 24.52
C LYS B 293 12.45 -19.56 24.25
N GLN B 294 13.65 -19.04 24.53
CA GLN B 294 14.85 -19.84 24.31
C GLN B 294 15.26 -20.65 25.54
N ASP B 295 14.73 -20.32 26.72
CA ASP B 295 15.08 -21.07 27.92
C ASP B 295 14.53 -22.49 27.85
N LEU B 296 13.26 -22.64 27.45
CA LEU B 296 12.71 -23.98 27.28
C LEU B 296 13.41 -24.72 26.14
N LEU B 297 13.86 -23.98 25.12
CA LEU B 297 14.63 -24.61 24.05
C LEU B 297 15.94 -25.18 24.59
N ALA B 298 16.65 -24.41 25.42
CA ALA B 298 17.89 -24.91 26.02
C ALA B 298 17.60 -26.11 26.92
N GLU B 299 16.55 -26.02 27.74
CA GLU B 299 16.16 -27.15 28.57
C GLU B 299 15.93 -28.40 27.73
N LYS B 300 15.16 -28.28 26.65
CA LYS B 300 14.79 -29.44 25.85
C LYS B 300 15.95 -29.98 25.02
N VAL B 301 16.89 -29.12 24.61
CA VAL B 301 17.99 -29.61 23.80
C VAL B 301 19.08 -30.22 24.68
N LEU B 302 19.24 -29.74 25.92
CA LEU B 302 20.16 -30.39 26.83
C LEU B 302 19.58 -31.70 27.38
N ALA B 303 18.27 -31.72 27.65
CA ALA B 303 17.64 -32.94 28.13
C ALA B 303 17.69 -34.04 27.08
N GLY B 304 17.56 -33.68 25.80
CA GLY B 304 17.52 -34.68 24.74
C GLY B 304 16.26 -35.48 24.69
N LYS B 305 15.22 -35.06 25.41
CA LYS B 305 13.93 -35.75 25.34
C LYS B 305 13.06 -35.17 24.23
N SER B 306 13.22 -33.88 23.94
CA SER B 306 12.45 -33.21 22.89
C SER B 306 13.37 -32.97 21.70
N LYS B 307 12.97 -33.48 20.54
CA LYS B 307 13.83 -33.47 19.37
C LYS B 307 13.42 -32.37 18.38
N ILE B 308 14.43 -31.82 17.72
CA ILE B 308 14.20 -30.99 16.54
C ILE B 308 14.41 -31.82 15.28
N GLU B 309 15.10 -32.95 15.40
CA GLU B 309 15.39 -33.80 14.25
C GLU B 309 14.11 -34.35 13.62
N ASP B 310 13.20 -34.87 14.44
CA ASP B 310 11.99 -35.52 13.95
C ASP B 310 10.97 -34.54 13.39
N TYR B 311 11.17 -33.24 13.56
CA TYR B 311 10.31 -32.23 12.97
C TYR B 311 11.03 -31.37 11.95
N PHE B 312 12.36 -31.39 11.93
CA PHE B 312 13.16 -30.69 10.91
C PHE B 312 14.32 -31.61 10.56
N PRO B 313 14.15 -32.47 9.55
CA PRO B 313 15.13 -33.54 9.31
C PRO B 313 16.49 -33.03 8.88
N GLU B 314 16.65 -31.75 8.58
CA GLU B 314 17.96 -31.20 8.26
C GLU B 314 18.63 -30.54 9.46
N PHE B 315 18.19 -30.82 10.68
CA PHE B 315 18.90 -30.33 11.85
C PHE B 315 20.29 -30.93 11.92
N ALA B 316 20.38 -32.27 11.86
CA ALA B 316 21.64 -32.90 11.51
C ALA B 316 21.96 -32.56 10.06
N ARG B 317 23.25 -32.61 9.71
CA ARG B 317 23.84 -32.13 8.47
C ARG B 317 24.01 -30.61 8.50
N TYR B 318 23.46 -29.91 9.49
CA TYR B 318 23.57 -28.46 9.57
C TYR B 318 24.74 -28.09 10.48
N THR B 319 25.74 -27.42 9.92
CA THR B 319 26.90 -26.96 10.67
C THR B 319 26.69 -25.51 11.06
N THR B 320 26.91 -25.20 12.33
CA THR B 320 26.73 -23.85 12.83
C THR B 320 27.61 -22.87 12.05
N PRO B 321 27.07 -21.77 11.56
CA PRO B 321 27.88 -20.83 10.77
C PRO B 321 29.01 -20.24 11.59
N GLU B 322 29.97 -19.65 10.88
CA GLU B 322 31.18 -19.16 11.53
C GLU B 322 30.95 -17.79 12.17
N ASP B 323 30.05 -16.99 11.62
CA ASP B 323 29.83 -15.65 12.14
C ASP B 323 28.93 -15.72 13.37
N ALA B 324 28.73 -14.54 13.99
CA ALA B 324 27.79 -14.36 15.10
C ALA B 324 28.12 -15.29 16.27
N THR B 325 29.27 -15.02 16.86
CA THR B 325 29.68 -15.72 18.07
C THR B 325 28.62 -15.53 19.16
N PRO B 326 28.17 -16.59 19.81
CA PRO B 326 27.13 -16.44 20.83
C PRO B 326 27.73 -16.11 22.19
N GLU B 327 26.83 -15.96 23.17
CA GLU B 327 27.27 -15.77 24.55
C GLU B 327 27.91 -17.05 25.07
N PRO B 328 28.95 -16.95 25.90
CA PRO B 328 29.67 -18.17 26.32
C PRO B 328 28.92 -18.97 27.37
N GLY B 329 27.89 -18.41 28.00
CA GLY B 329 27.19 -19.12 29.06
C GLY B 329 26.22 -20.19 28.58
N GLU B 330 26.19 -20.48 27.29
CA GLU B 330 25.21 -21.40 26.70
C GLU B 330 25.90 -22.59 26.07
N ASP B 331 25.19 -23.72 26.07
CA ASP B 331 25.69 -24.95 25.48
C ASP B 331 25.72 -24.78 23.95
N PRO B 332 26.84 -25.11 23.28
CA PRO B 332 26.90 -24.97 21.82
C PRO B 332 25.74 -25.60 21.06
N ARG B 333 25.10 -26.62 21.63
CA ARG B 333 23.93 -27.19 20.98
C ARG B 333 22.77 -26.22 20.96
N VAL B 334 22.61 -25.40 22.01
CA VAL B 334 21.60 -24.36 22.00
C VAL B 334 21.87 -23.37 20.88
N THR B 335 23.14 -23.00 20.70
CA THR B 335 23.52 -22.10 19.63
C THR B 335 23.20 -22.71 18.27
N ARG B 336 23.52 -24.00 18.09
CA ARG B 336 23.23 -24.66 16.84
C ARG B 336 21.73 -24.63 16.53
N ALA B 337 20.90 -24.94 17.54
CA ALA B 337 19.45 -24.94 17.32
C ALA B 337 18.95 -23.55 16.99
N LYS B 338 19.38 -22.54 17.75
CA LYS B 338 18.92 -21.17 17.51
C LYS B 338 19.29 -20.69 16.12
N TYR B 339 20.53 -20.95 15.69
CA TYR B 339 20.94 -20.48 14.38
C TYR B 339 20.30 -21.30 13.26
N PHE B 340 19.99 -22.57 13.52
CA PHE B 340 19.21 -23.33 12.56
C PHE B 340 17.84 -22.71 12.33
N ILE B 341 17.15 -22.34 13.41
CA ILE B 341 15.83 -21.72 13.26
C ILE B 341 15.94 -20.35 12.60
N ARG B 342 16.94 -19.57 12.99
CA ARG B 342 17.13 -18.26 12.37
C ARG B 342 17.39 -18.39 10.87
N ASP B 343 18.18 -19.39 10.47
CA ASP B 343 18.41 -19.60 9.04
C ASP B 343 17.16 -20.14 8.34
N GLU B 344 16.33 -20.91 9.05
CA GLU B 344 15.05 -21.33 8.51
C GLU B 344 14.19 -20.12 8.14
N PHE B 345 14.19 -19.10 8.99
CA PHE B 345 13.44 -17.89 8.66
C PHE B 345 14.14 -17.05 7.59
N LEU B 346 15.47 -16.97 7.65
CA LEU B 346 16.21 -16.13 6.71
C LEU B 346 16.21 -16.69 5.30
N ARG B 347 16.02 -17.99 5.13
CA ARG B 347 15.87 -18.54 3.78
C ARG B 347 14.63 -17.98 3.10
N ILE B 348 13.50 -17.99 3.81
CA ILE B 348 12.28 -17.36 3.29
C ILE B 348 12.53 -15.87 3.05
N SER B 349 13.19 -15.21 4.01
CA SER B 349 13.42 -13.78 3.88
C SER B 349 14.29 -13.45 2.67
N THR B 350 15.17 -14.37 2.29
CA THR B 350 16.03 -14.20 1.14
C THR B 350 15.47 -14.99 -0.03
N ALA B 351 14.16 -14.99 -0.17
CA ALA B 351 13.53 -15.74 -1.26
C ALA B 351 13.61 -14.99 -2.58
N SER B 352 14.26 -13.84 -2.58
CA SER B 352 14.39 -13.04 -3.80
C SER B 352 13.04 -12.58 -4.32
N GLY B 353 13.09 -11.56 -5.17
CA GLY B 353 11.90 -11.00 -5.79
C GLY B 353 11.63 -9.59 -5.36
N ASP B 354 10.47 -9.09 -5.77
CA ASP B 354 10.05 -7.73 -5.44
C ASP B 354 9.70 -7.62 -3.97
N GLY B 355 9.74 -6.39 -3.45
CA GLY B 355 9.44 -6.18 -2.05
C GLY B 355 10.13 -5.02 -1.35
N ARG B 356 11.39 -4.70 -1.64
CA ARG B 356 11.84 -3.51 -0.91
C ARG B 356 11.59 -3.55 0.59
N HIS B 357 11.94 -4.66 1.24
CA HIS B 357 11.72 -4.79 2.67
C HIS B 357 12.76 -5.74 3.22
N TYR B 358 13.04 -5.59 4.52
CA TYR B 358 14.11 -6.32 5.17
C TYR B 358 13.59 -7.03 6.39
N CYS B 359 14.33 -8.04 6.82
CA CYS B 359 14.04 -8.78 8.04
C CYS B 359 15.17 -8.56 9.03
N TYR B 360 14.81 -8.16 10.25
CA TYR B 360 15.78 -7.90 11.32
C TYR B 360 15.55 -8.93 12.41
N PRO B 361 16.18 -10.10 12.32
CA PRO B 361 15.96 -11.15 13.32
C PRO B 361 16.74 -10.90 14.59
N HIS B 362 16.17 -11.32 15.71
CA HIS B 362 16.81 -11.17 17.01
C HIS B 362 16.58 -12.41 17.85
N PHE B 363 17.29 -12.49 18.97
CA PHE B 363 17.15 -13.55 19.95
C PHE B 363 16.77 -12.92 21.28
N THR B 364 15.56 -13.21 21.76
CA THR B 364 15.09 -12.58 22.99
C THR B 364 14.72 -13.61 24.05
N CYS B 365 14.22 -13.12 25.18
CA CYS B 365 13.74 -13.96 26.26
C CYS B 365 12.85 -13.11 27.17
N ALA B 366 12.39 -13.69 28.26
CA ALA B 366 11.65 -12.93 29.25
C ALA B 366 12.57 -12.13 30.16
N VAL B 367 13.86 -12.50 30.20
CA VAL B 367 14.83 -11.80 31.04
C VAL B 367 15.31 -10.50 30.44
N ASP B 368 15.22 -10.35 29.11
CA ASP B 368 15.81 -9.18 28.46
C ASP B 368 15.05 -7.90 28.80
N THR B 369 15.79 -6.79 28.77
CA THR B 369 15.23 -5.45 28.89
C THR B 369 15.76 -4.55 27.79
N GLU B 370 16.35 -5.10 26.73
CA GLU B 370 16.99 -4.35 25.66
C GLU B 370 16.13 -4.34 24.40
N ASN B 371 14.90 -4.85 24.49
CA ASN B 371 14.08 -5.05 23.30
C ASN B 371 13.58 -3.74 22.69
N ILE B 372 13.20 -2.77 23.52
CA ILE B 372 12.71 -1.51 22.98
C ILE B 372 13.81 -0.76 22.25
N ARG B 373 15.06 -0.86 22.73
CA ARG B 373 16.16 -0.22 22.03
C ARG B 373 16.49 -0.95 20.73
N ARG B 374 16.31 -2.26 20.70
CA ARG B 374 16.48 -3.00 19.44
C ARG B 374 15.45 -2.55 18.41
N VAL B 375 14.18 -2.44 18.85
CA VAL B 375 13.14 -1.95 17.95
C VAL B 375 13.44 -0.53 17.50
N PHE B 376 13.95 0.30 18.41
CA PHE B 376 14.30 1.67 18.07
C PHE B 376 15.37 1.73 16.98
N ASN B 377 16.45 0.97 17.17
CA ASN B 377 17.54 0.98 16.19
C ASN B 377 17.11 0.37 14.86
N ASP B 378 16.28 -0.67 14.91
CA ASP B 378 15.82 -1.29 13.67
C ASP B 378 14.89 -0.37 12.90
N CYS B 379 14.01 0.34 13.60
CA CYS B 379 13.18 1.34 12.94
C CYS B 379 14.01 2.49 12.40
N ARG B 380 15.09 2.85 13.10
CA ARG B 380 16.03 3.85 12.58
C ARG B 380 16.60 3.40 11.23
N ASP B 381 17.04 2.15 11.16
CA ASP B 381 17.60 1.64 9.91
C ASP B 381 16.53 1.57 8.81
N ILE B 382 15.30 1.23 9.19
CA ILE B 382 14.21 1.18 8.21
C ILE B 382 13.96 2.58 7.65
N ILE B 383 13.91 3.59 8.52
CA ILE B 383 13.66 4.96 8.07
C ILE B 383 14.83 5.46 7.23
N GLN B 384 16.06 5.09 7.59
CA GLN B 384 17.21 5.47 6.79
C GLN B 384 17.11 4.90 5.39
N ARG B 385 16.78 3.61 5.27
CA ARG B 385 16.66 3.01 3.95
C ARG B 385 15.47 3.55 3.19
N MET B 386 14.45 4.03 3.90
CA MET B 386 13.32 4.68 3.25
C MET B 386 13.72 6.03 2.66
N HIS B 387 14.45 6.84 3.44
CA HIS B 387 14.96 8.11 2.94
C HIS B 387 15.91 7.90 1.76
N LEU B 388 16.74 6.86 1.84
CA LEU B 388 17.74 6.60 0.81
C LEU B 388 17.11 6.30 -0.55
N ARG B 389 15.82 6.01 -0.60
CA ARG B 389 15.14 5.74 -1.86
C ARG B 389 14.72 7.00 -2.59
N GLN B 390 14.71 8.15 -1.93
CA GLN B 390 14.37 9.40 -2.59
C GLN B 390 15.48 9.92 -3.48
N TYR B 391 16.68 9.38 -3.30
CA TYR B 391 17.86 9.81 -4.04
C TYR B 391 18.12 9.00 -5.29
N GLU B 392 17.18 8.13 -5.60
CA GLU B 392 17.28 7.30 -6.77
C GLU B 392 16.44 7.90 -7.88
N LEU B 393 15.68 7.07 -8.57
CA LEU B 393 14.88 7.54 -9.69
C LEU B 393 13.86 8.60 -9.27
N GLN C 19 -20.24 -39.72 11.04
CA GLN C 19 -21.38 -40.45 11.56
C GLN C 19 -22.35 -40.81 10.43
N SER C 20 -23.24 -41.77 10.68
CA SER C 20 -24.22 -42.13 9.67
C SER C 20 -25.31 -41.07 9.56
N GLU C 21 -25.70 -40.47 10.69
CA GLU C 21 -26.63 -39.35 10.63
C GLU C 21 -26.04 -38.18 9.86
N LEU C 22 -24.79 -37.82 10.17
CA LEU C 22 -24.10 -36.79 9.41
C LEU C 22 -23.98 -37.17 7.94
N ASP C 23 -23.71 -38.45 7.66
CA ASP C 23 -23.58 -38.90 6.27
C ASP C 23 -24.88 -38.69 5.51
N GLN C 24 -26.00 -39.15 6.08
CA GLN C 24 -27.27 -39.01 5.38
C GLN C 24 -27.72 -37.55 5.31
N LEU C 25 -27.36 -36.74 6.31
CA LEU C 25 -27.66 -35.30 6.22
C LEU C 25 -26.90 -34.65 5.07
N ARG C 26 -25.62 -34.99 4.92
CA ARG C 26 -24.85 -34.46 3.80
C ARG C 26 -25.38 -34.97 2.47
N GLN C 27 -25.82 -36.23 2.42
CA GLN C 27 -26.41 -36.77 1.19
C GLN C 27 -27.69 -36.04 0.84
N GLU C 28 -28.54 -35.77 1.82
CA GLU C 28 -29.77 -35.03 1.55
C GLU C 28 -29.47 -33.60 1.13
N ALA C 29 -28.47 -32.97 1.74
CA ALA C 29 -28.08 -31.63 1.33
C ALA C 29 -27.61 -31.62 -0.12
N GLU C 30 -26.80 -32.60 -0.50
CA GLU C 30 -26.35 -32.68 -1.89
C GLU C 30 -27.50 -32.97 -2.84
N GLN C 31 -28.49 -33.77 -2.40
CA GLN C 31 -29.64 -34.04 -3.25
C GLN C 31 -30.46 -32.78 -3.49
N LEU C 32 -30.69 -31.99 -2.44
CA LEU C 32 -31.40 -30.72 -2.63
C LEU C 32 -30.59 -29.75 -3.47
N LYS C 33 -29.26 -29.76 -3.31
CA LYS C 33 -28.42 -28.92 -4.15
C LYS C 33 -28.57 -29.27 -5.62
N ASN C 34 -28.55 -30.57 -5.91
CA ASN C 34 -28.72 -31.02 -7.30
C ASN C 34 -30.11 -30.66 -7.82
N GLN C 35 -31.13 -30.76 -6.96
CA GLN C 35 -32.49 -30.37 -7.37
C GLN C 35 -32.56 -28.89 -7.71
N ILE C 36 -31.93 -28.04 -6.89
CA ILE C 36 -31.94 -26.62 -7.15
C ILE C 36 -31.18 -26.30 -8.43
N ARG C 37 -30.06 -26.99 -8.66
CA ARG C 37 -29.32 -26.78 -9.89
C ARG C 37 -30.14 -27.21 -11.11
N ASP C 38 -30.88 -28.31 -10.98
CA ASP C 38 -31.73 -28.76 -12.08
C ASP C 38 -32.83 -27.74 -12.37
N ALA C 39 -33.46 -27.20 -11.32
CA ALA C 39 -34.47 -26.17 -11.51
C ALA C 39 -33.89 -24.94 -12.20
N ARG C 40 -32.69 -24.53 -11.78
CA ARG C 40 -32.04 -23.37 -12.40
C ARG C 40 -31.78 -23.62 -13.88
N LYS C 41 -31.20 -24.78 -14.21
CA LYS C 41 -30.93 -25.09 -15.61
C LYS C 41 -32.20 -25.23 -16.42
N ALA C 42 -33.30 -25.62 -15.77
CA ALA C 42 -34.58 -25.65 -16.46
C ALA C 42 -35.09 -24.25 -16.75
N CYS C 43 -34.82 -23.31 -15.83
CA CYS C 43 -35.28 -21.93 -16.00
C CYS C 43 -34.34 -21.09 -16.88
N ALA C 44 -33.29 -21.68 -17.44
CA ALA C 44 -32.33 -20.96 -18.28
C ALA C 44 -32.55 -21.35 -19.73
N ASP C 45 -33.14 -20.44 -20.51
CA ASP C 45 -33.44 -20.70 -21.91
C ASP C 45 -32.61 -19.88 -22.89
N ALA C 46 -32.36 -18.61 -22.60
CA ALA C 46 -31.59 -17.75 -23.48
C ALA C 46 -30.67 -16.87 -22.66
N THR C 47 -29.43 -16.72 -23.14
CA THR C 47 -28.45 -15.90 -22.44
C THR C 47 -28.80 -14.42 -22.59
N LEU C 48 -28.49 -13.64 -21.55
CA LEU C 48 -28.68 -12.19 -21.62
C LEU C 48 -27.91 -11.61 -22.80
N SER C 49 -26.75 -12.18 -23.13
CA SER C 49 -25.98 -11.73 -24.26
C SER C 49 -26.53 -12.20 -25.60
N GLN C 50 -27.64 -12.95 -25.61
CA GLN C 50 -28.28 -13.40 -26.84
C GLN C 50 -29.43 -12.51 -27.26
N ILE C 51 -30.19 -11.95 -26.30
CA ILE C 51 -31.30 -11.06 -26.62
C ILE C 51 -30.91 -9.60 -26.58
N THR C 52 -29.67 -9.29 -26.19
CA THR C 52 -29.20 -7.91 -26.14
C THR C 52 -28.32 -7.54 -27.32
N ASN C 53 -27.96 -8.49 -28.17
CA ASN C 53 -27.09 -8.23 -29.31
C ASN C 53 -27.76 -7.34 -30.36
N ASN C 54 -29.04 -7.03 -30.20
CA ASN C 54 -29.74 -6.20 -31.17
C ASN C 54 -29.67 -4.71 -30.84
N ILE C 55 -29.37 -4.36 -29.58
CA ILE C 55 -29.27 -2.95 -29.22
C ILE C 55 -27.93 -2.38 -29.66
N ASP C 56 -27.87 -1.06 -29.71
CA ASP C 56 -26.65 -0.38 -30.11
C ASP C 56 -25.72 -0.18 -28.92
N PRO C 57 -24.41 -0.19 -29.13
CA PRO C 57 -23.49 0.00 -28.00
C PRO C 57 -23.48 1.43 -27.51
N VAL C 58 -22.97 1.62 -26.29
CA VAL C 58 -22.84 2.96 -25.73
C VAL C 58 -21.70 3.75 -26.35
N GLY C 59 -20.92 3.14 -27.25
CA GLY C 59 -19.84 3.84 -27.90
C GLY C 59 -18.60 3.94 -27.05
N ARG C 60 -18.28 5.15 -26.60
CA ARG C 60 -17.10 5.38 -25.78
C ARG C 60 -17.44 6.41 -24.71
N ILE C 61 -17.23 6.04 -23.45
CA ILE C 61 -17.46 6.92 -22.32
C ILE C 61 -16.10 7.35 -21.78
N GLN C 62 -15.86 8.66 -21.79
CA GLN C 62 -14.56 9.22 -21.41
C GLN C 62 -14.82 10.40 -20.47
N MET C 63 -14.57 10.19 -19.18
CA MET C 63 -14.83 11.19 -18.16
C MET C 63 -13.58 12.00 -17.87
N ARG C 64 -13.77 13.16 -17.23
CA ARG C 64 -12.67 14.05 -16.86
C ARG C 64 -12.73 14.31 -15.37
N THR C 65 -11.56 14.48 -14.76
CA THR C 65 -11.45 14.74 -13.32
C THR C 65 -11.83 16.18 -13.05
N ARG C 66 -13.05 16.39 -12.55
CA ARG C 66 -13.53 17.75 -12.31
C ARG C 66 -12.93 18.31 -11.01
N ARG C 67 -12.92 17.53 -9.95
CA ARG C 67 -12.43 17.99 -8.65
C ARG C 67 -11.36 17.04 -8.14
N THR C 68 -10.69 17.46 -7.08
CA THR C 68 -9.73 16.62 -6.38
C THR C 68 -9.67 17.10 -4.93
N LEU C 69 -10.19 16.29 -4.02
CA LEU C 69 -10.29 16.68 -2.62
C LEU C 69 -9.05 16.21 -1.88
N ARG C 70 -8.34 17.15 -1.24
CA ARG C 70 -7.11 16.87 -0.51
C ARG C 70 -7.27 17.28 0.94
N GLY C 71 -6.55 16.58 1.82
CA GLY C 71 -6.61 16.89 3.23
C GLY C 71 -6.49 15.68 4.14
N HIS C 72 -6.58 14.49 3.57
CA HIS C 72 -6.41 13.25 4.32
C HIS C 72 -4.93 12.89 4.39
N LEU C 73 -4.53 12.26 5.50
CA LEU C 73 -3.13 11.94 5.73
C LEU C 73 -2.78 10.52 5.29
N ALA C 74 -3.66 9.56 5.51
CA ALA C 74 -3.41 8.16 5.20
C ALA C 74 -4.40 7.69 4.15
N LYS C 75 -4.39 6.38 3.89
CA LYS C 75 -5.26 5.81 2.87
C LYS C 75 -6.72 5.92 3.28
N ILE C 76 -7.58 6.04 2.28
CA ILE C 76 -9.01 6.25 2.46
C ILE C 76 -9.72 4.92 2.22
N TYR C 77 -10.47 4.46 3.22
CA TYR C 77 -11.21 3.22 3.00
C TYR C 77 -12.64 3.43 2.52
N ALA C 78 -13.36 4.38 3.10
CA ALA C 78 -14.79 4.50 2.81
C ALA C 78 -15.12 5.89 2.29
N MET C 79 -16.32 5.99 1.73
CA MET C 79 -16.86 7.21 1.14
C MET C 79 -18.33 6.98 0.84
N HIS C 80 -19.14 8.00 1.09
CA HIS C 80 -20.57 7.85 0.86
C HIS C 80 -21.18 9.21 0.54
N TRP C 81 -21.89 9.28 -0.58
CA TRP C 81 -22.59 10.49 -0.96
C TRP C 81 -23.80 10.74 -0.07
N GLY C 82 -24.20 12.00 0.04
CA GLY C 82 -25.44 12.33 0.67
C GLY C 82 -26.59 12.39 -0.33
N THR C 83 -27.81 12.20 0.18
CA THR C 83 -28.97 12.21 -0.69
C THR C 83 -29.21 13.56 -1.37
N ASP C 84 -28.63 14.63 -0.84
CA ASP C 84 -28.70 15.93 -1.51
C ASP C 84 -27.72 16.05 -2.67
N SER C 85 -26.93 15.02 -2.93
CA SER C 85 -25.99 14.95 -4.04
C SER C 85 -24.90 16.00 -3.98
N ARG C 86 -24.76 16.70 -2.85
CA ARG C 86 -23.76 17.74 -2.71
C ARG C 86 -22.72 17.45 -1.65
N LEU C 87 -23.12 17.01 -0.46
CA LEU C 87 -22.19 16.74 0.62
C LEU C 87 -21.68 15.31 0.55
N LEU C 88 -20.43 15.13 0.94
CA LEU C 88 -19.74 13.85 0.82
C LEU C 88 -19.01 13.56 2.11
N VAL C 89 -18.82 12.28 2.42
CA VAL C 89 -18.07 11.87 3.61
C VAL C 89 -16.96 10.94 3.19
N SER C 90 -15.81 11.08 3.83
CA SER C 90 -14.70 10.17 3.59
C SER C 90 -14.05 9.80 4.92
N ALA C 91 -13.60 8.55 5.00
CA ALA C 91 -12.97 8.01 6.20
C ALA C 91 -11.56 7.54 5.84
N SER C 92 -10.56 8.06 6.55
CA SER C 92 -9.20 7.66 6.28
C SER C 92 -8.57 7.05 7.53
N GLN C 93 -7.46 6.36 7.31
CA GLN C 93 -6.80 5.58 8.36
C GLN C 93 -5.96 6.41 9.31
N ASP C 94 -5.84 7.72 9.09
CA ASP C 94 -5.19 8.58 10.08
C ASP C 94 -6.10 8.85 11.27
N GLY C 95 -7.34 8.43 11.22
CA GLY C 95 -8.31 8.69 12.26
C GLY C 95 -9.29 9.80 11.98
N LYS C 96 -9.52 10.14 10.71
CA LYS C 96 -10.32 11.30 10.35
C LYS C 96 -11.54 10.89 9.54
N LEU C 97 -12.66 11.56 9.86
CA LEU C 97 -13.91 11.45 9.13
C LEU C 97 -14.23 12.86 8.61
N ILE C 98 -13.95 13.11 7.34
CA ILE C 98 -14.07 14.46 6.78
C ILE C 98 -15.33 14.56 5.96
N ILE C 99 -16.13 15.59 6.23
CA ILE C 99 -17.34 15.88 5.48
C ILE C 99 -17.03 17.07 4.57
N TRP C 100 -17.07 16.82 3.26
CA TRP C 100 -16.75 17.78 2.22
C TRP C 100 -18.01 18.34 1.58
N ASP C 101 -17.91 19.58 1.10
CA ASP C 101 -18.84 20.14 0.13
C ASP C 101 -18.24 19.94 -1.24
N SER C 102 -18.89 19.10 -2.06
CA SER C 102 -18.29 18.66 -3.31
C SER C 102 -18.29 19.75 -4.38
N TYR C 103 -19.26 20.65 -4.37
CA TYR C 103 -19.30 21.71 -5.37
C TYR C 103 -18.14 22.67 -5.20
N THR C 104 -18.00 23.25 -4.01
CA THR C 104 -17.02 24.29 -3.74
C THR C 104 -15.77 23.80 -3.02
N THR C 105 -15.61 22.48 -2.86
CA THR C 105 -14.40 21.84 -2.36
C THR C 105 -14.15 22.12 -0.87
N ASN C 106 -14.95 22.99 -0.25
CA ASN C 106 -14.73 23.35 1.13
C ASN C 106 -15.06 22.18 2.06
N LYS C 107 -14.22 21.99 3.08
CA LYS C 107 -14.48 20.99 4.10
C LYS C 107 -15.54 21.51 5.05
N VAL C 108 -16.64 20.76 5.21
CA VAL C 108 -17.70 21.18 6.11
C VAL C 108 -17.46 20.71 7.53
N HIS C 109 -16.95 19.49 7.70
CA HIS C 109 -16.66 18.96 9.03
C HIS C 109 -15.40 18.11 8.99
N ALA C 110 -14.79 17.94 10.16
CA ALA C 110 -13.64 17.04 10.31
C ALA C 110 -13.73 16.42 11.69
N ILE C 111 -14.29 15.22 11.78
CA ILE C 111 -14.48 14.52 13.04
C ILE C 111 -13.23 13.70 13.33
N PRO C 112 -12.61 13.87 14.50
CA PRO C 112 -11.55 12.93 14.92
C PRO C 112 -12.12 11.71 15.61
N LEU C 113 -11.66 10.52 15.23
CA LEU C 113 -12.22 9.28 15.70
C LEU C 113 -11.44 8.74 16.89
N ARG C 114 -12.09 7.89 17.68
CA ARG C 114 -11.43 7.28 18.83
C ARG C 114 -10.48 6.17 18.43
N SER C 115 -10.74 5.51 17.30
CA SER C 115 -9.87 4.46 16.79
C SER C 115 -9.43 4.82 15.38
N SER C 116 -8.16 4.56 15.08
CA SER C 116 -7.56 4.97 13.83
C SER C 116 -7.85 4.03 12.68
N TRP C 117 -8.45 2.87 12.94
CA TRP C 117 -8.58 1.81 11.94
C TRP C 117 -9.98 1.73 11.37
N VAL C 118 -10.60 2.89 11.10
CA VAL C 118 -11.92 2.91 10.49
C VAL C 118 -11.87 2.32 9.09
N MET C 119 -12.79 1.40 8.83
CA MET C 119 -12.89 0.70 7.55
C MET C 119 -14.14 1.03 6.77
N THR C 120 -15.16 1.61 7.40
CA THR C 120 -16.40 1.93 6.72
C THR C 120 -16.96 3.24 7.26
N CYS C 121 -17.81 3.87 6.45
CA CYS C 121 -18.50 5.09 6.85
C CYS C 121 -19.81 5.16 6.07
N ALA C 122 -20.79 5.84 6.64
CA ALA C 122 -22.10 5.96 6.03
C ALA C 122 -22.70 7.32 6.34
N TYR C 123 -23.64 7.74 5.50
CA TYR C 123 -24.36 8.99 5.65
C TYR C 123 -25.83 8.67 5.86
N ALA C 124 -26.46 9.40 6.77
CA ALA C 124 -27.89 9.22 6.98
C ALA C 124 -28.67 9.81 5.81
N PRO C 125 -29.74 9.15 5.36
CA PRO C 125 -30.55 9.72 4.27
C PRO C 125 -31.22 11.04 4.63
N SER C 126 -31.29 11.37 5.92
CA SER C 126 -31.79 12.66 6.35
C SER C 126 -30.71 13.72 6.41
N GLY C 127 -29.44 13.33 6.39
CA GLY C 127 -28.34 14.26 6.48
C GLY C 127 -27.95 14.64 7.88
N ASN C 128 -28.56 14.05 8.90
CA ASN C 128 -28.36 14.47 10.29
C ASN C 128 -27.31 13.66 11.03
N TYR C 129 -27.06 12.41 10.62
CA TYR C 129 -26.13 11.55 11.32
C TYR C 129 -25.09 11.02 10.36
N VAL C 130 -23.98 10.55 10.94
CA VAL C 130 -22.91 9.90 10.19
C VAL C 130 -22.38 8.74 11.01
N ALA C 131 -22.25 7.57 10.40
CA ALA C 131 -21.77 6.39 11.09
C ALA C 131 -20.38 6.01 10.59
N CYS C 132 -19.62 5.36 11.47
CA CYS C 132 -18.31 4.86 11.08
C CYS C 132 -17.91 3.73 12.01
N GLY C 133 -17.25 2.71 11.45
CA GLY C 133 -16.78 1.59 12.23
C GLY C 133 -15.47 1.08 11.68
N GLY C 134 -14.87 0.13 12.39
CA GLY C 134 -13.61 -0.43 11.95
C GLY C 134 -13.14 -1.64 12.73
N LEU C 135 -11.84 -1.71 12.99
CA LEU C 135 -11.26 -2.86 13.69
C LEU C 135 -11.64 -2.91 15.16
N ASP C 136 -12.29 -1.89 15.70
CA ASP C 136 -12.68 -1.86 17.10
C ASP C 136 -14.02 -2.51 17.37
N ASN C 137 -14.66 -3.07 16.33
CA ASN C 137 -15.89 -3.85 16.44
C ASN C 137 -17.09 -3.01 16.89
N ILE C 138 -17.10 -1.72 16.57
CA ILE C 138 -18.14 -0.79 17.01
C ILE C 138 -18.51 0.09 15.83
N CYS C 139 -19.81 0.36 15.67
CA CYS C 139 -20.29 1.36 14.71
C CYS C 139 -20.70 2.58 15.54
N SER C 140 -19.92 3.66 15.44
CA SER C 140 -20.20 4.89 16.16
C SER C 140 -21.06 5.80 15.30
N ILE C 141 -22.07 6.40 15.93
CA ILE C 141 -23.01 7.31 15.28
C ILE C 141 -22.72 8.70 15.83
N TYR C 142 -22.41 9.64 14.95
CA TYR C 142 -22.14 11.03 15.28
C TYR C 142 -23.28 11.90 14.78
N ASN C 143 -23.67 12.88 15.59
CA ASN C 143 -24.73 13.81 15.27
C ASN C 143 -24.13 15.08 14.69
N LEU C 144 -24.57 15.45 13.48
CA LEU C 144 -24.06 16.63 12.80
C LEU C 144 -24.87 17.88 13.09
N LYS C 145 -25.99 17.77 13.79
CA LYS C 145 -26.90 18.89 14.01
C LYS C 145 -27.14 19.10 15.49
N THR C 146 -26.06 19.09 16.26
CA THR C 146 -26.16 19.33 17.69
C THR C 146 -26.67 20.74 17.96
N ARG C 147 -27.38 20.88 19.08
CA ARG C 147 -28.03 22.14 19.43
C ARG C 147 -26.96 23.12 19.90
N GLU C 148 -26.52 23.97 18.98
CA GLU C 148 -25.54 25.03 19.26
C GLU C 148 -24.23 24.45 19.80
N GLY C 149 -23.85 23.27 19.33
CA GLY C 149 -22.61 22.65 19.75
C GLY C 149 -21.78 22.15 18.59
N ASN C 150 -20.72 21.41 18.90
CA ASN C 150 -19.86 20.85 17.87
C ASN C 150 -20.44 19.50 17.42
N VAL C 151 -19.67 18.75 16.64
CA VAL C 151 -20.07 17.41 16.24
C VAL C 151 -19.54 16.42 17.27
N ARG C 152 -20.45 15.74 17.96
CA ARG C 152 -20.10 14.84 19.03
C ARG C 152 -20.75 13.48 18.79
N VAL C 153 -20.14 12.43 19.34
CA VAL C 153 -20.64 11.09 19.16
C VAL C 153 -22.00 10.96 19.82
N SER C 154 -22.96 10.39 19.10
CA SER C 154 -24.29 10.17 19.65
C SER C 154 -24.41 8.78 20.26
N ARG C 155 -23.93 7.77 19.56
CA ARG C 155 -24.06 6.39 20.02
C ARG C 155 -22.80 5.61 19.64
N GLU C 156 -22.63 4.47 20.28
CA GLU C 156 -21.60 3.51 19.91
C GLU C 156 -22.21 2.11 19.98
N LEU C 157 -22.66 1.61 18.83
CA LEU C 157 -23.27 0.29 18.75
C LEU C 157 -22.18 -0.76 18.79
N ALA C 158 -22.12 -1.52 19.88
CA ALA C 158 -21.16 -2.60 20.06
C ALA C 158 -21.90 -3.91 20.28
N GLY C 159 -21.22 -5.01 19.99
CA GLY C 159 -21.84 -6.32 20.10
C GLY C 159 -21.38 -7.30 19.05
N HIS C 160 -20.61 -6.83 18.07
CA HIS C 160 -20.01 -7.74 17.10
C HIS C 160 -18.71 -8.32 17.65
N THR C 161 -18.37 -9.51 17.14
CA THR C 161 -17.18 -10.21 17.59
C THR C 161 -15.99 -10.04 16.67
N GLY C 162 -16.22 -9.71 15.40
CA GLY C 162 -15.14 -9.45 14.46
C GLY C 162 -15.23 -8.02 13.95
N TYR C 163 -14.21 -7.65 13.16
CA TYR C 163 -14.12 -6.29 12.66
C TYR C 163 -15.37 -5.93 11.86
N LEU C 164 -15.64 -4.64 11.78
CA LEU C 164 -16.88 -4.13 11.19
C LEU C 164 -16.58 -3.65 9.78
N SER C 165 -17.20 -4.30 8.80
CA SER C 165 -16.84 -4.07 7.40
C SER C 165 -17.76 -3.07 6.69
N CYS C 166 -19.01 -2.93 7.13
CA CYS C 166 -19.92 -2.01 6.47
C CYS C 166 -21.06 -1.66 7.42
N CYS C 167 -21.46 -0.39 7.38
CA CYS C 167 -22.64 0.11 8.08
C CYS C 167 -23.49 0.84 7.06
N ARG C 168 -24.82 0.69 7.16
CA ARG C 168 -25.74 1.35 6.26
C ARG C 168 -27.00 1.76 7.00
N PHE C 169 -27.44 2.99 6.78
CA PHE C 169 -28.61 3.54 7.47
C PHE C 169 -29.90 3.10 6.77
N LEU C 170 -30.89 2.69 7.56
CA LEU C 170 -32.23 2.54 7.03
C LEU C 170 -33.01 3.85 7.17
N ASP C 171 -32.93 4.47 8.34
CA ASP C 171 -33.42 5.82 8.58
C ASP C 171 -32.67 6.35 9.79
N ASP C 172 -33.15 7.44 10.38
CA ASP C 172 -32.47 8.03 11.52
C ASP C 172 -32.44 7.12 12.76
N ASN C 173 -33.10 5.96 12.71
CA ASN C 173 -33.23 5.12 13.90
C ASN C 173 -32.84 3.67 13.69
N GLN C 174 -32.64 3.20 12.46
CA GLN C 174 -32.28 1.82 12.18
C GLN C 174 -31.01 1.78 11.35
N ILE C 175 -30.16 0.79 11.62
CA ILE C 175 -28.92 0.68 10.87
C ILE C 175 -28.51 -0.79 10.76
N VAL C 176 -28.12 -1.20 9.57
CA VAL C 176 -27.69 -2.57 9.30
C VAL C 176 -26.19 -2.59 9.09
N THR C 177 -25.51 -3.55 9.70
CA THR C 177 -24.06 -3.63 9.69
C THR C 177 -23.59 -5.03 9.29
N SER C 178 -22.44 -5.08 8.62
CA SER C 178 -21.73 -6.31 8.33
C SER C 178 -20.47 -6.39 9.19
N SER C 179 -20.11 -7.60 9.58
CA SER C 179 -18.98 -7.78 10.49
C SER C 179 -18.10 -8.92 10.01
N GLY C 180 -16.90 -8.99 10.60
CA GLY C 180 -15.93 -10.03 10.33
C GLY C 180 -16.13 -11.31 11.11
N ASP C 181 -17.20 -11.41 11.87
CA ASP C 181 -17.56 -12.66 12.53
C ASP C 181 -18.63 -13.43 11.77
N THR C 182 -18.76 -13.16 10.47
CA THR C 182 -19.63 -13.86 9.54
C THR C 182 -21.12 -13.61 9.79
N THR C 183 -21.47 -12.55 10.49
CA THR C 183 -22.87 -12.24 10.77
C THR C 183 -23.17 -10.79 10.43
N CYS C 184 -24.39 -10.56 9.96
CA CYS C 184 -24.93 -9.21 9.79
C CYS C 184 -25.88 -8.91 10.94
N ALA C 185 -26.11 -7.61 11.19
CA ALA C 185 -26.95 -7.22 12.31
C ALA C 185 -27.80 -6.01 11.92
N LEU C 186 -28.94 -5.89 12.58
CA LEU C 186 -29.83 -4.74 12.44
C LEU C 186 -30.06 -4.16 13.82
N TRP C 187 -29.68 -2.90 14.00
CA TRP C 187 -29.71 -2.20 15.28
C TRP C 187 -30.74 -1.08 15.26
N ASP C 188 -31.35 -0.88 16.43
CA ASP C 188 -32.16 0.29 16.72
C ASP C 188 -31.28 1.30 17.46
N ILE C 189 -31.01 2.44 16.81
CA ILE C 189 -30.04 3.38 17.35
C ILE C 189 -30.51 3.96 18.68
N GLU C 190 -31.82 4.18 18.82
CA GLU C 190 -32.35 4.77 20.05
C GLU C 190 -32.06 3.86 21.24
N THR C 191 -32.52 2.61 21.18
CA THR C 191 -32.28 1.68 22.28
C THR C 191 -30.80 1.34 22.40
N GLY C 192 -30.21 0.82 21.34
CA GLY C 192 -28.79 0.48 21.31
C GLY C 192 -28.48 -0.99 21.27
N GLN C 193 -29.47 -1.86 21.11
CA GLN C 193 -29.27 -3.30 21.09
C GLN C 193 -29.65 -3.86 19.73
N GLN C 194 -29.02 -4.98 19.39
CA GLN C 194 -29.30 -5.65 18.12
C GLN C 194 -30.77 -6.03 18.03
N THR C 195 -31.50 -5.42 17.10
CA THR C 195 -32.87 -5.82 16.87
C THR C 195 -32.93 -7.17 16.17
N THR C 196 -32.07 -7.40 15.18
CA THR C 196 -32.09 -8.64 14.42
C THR C 196 -30.66 -9.07 14.11
N THR C 197 -30.47 -10.37 13.95
CA THR C 197 -29.17 -10.93 13.59
C THR C 197 -29.34 -11.88 12.42
N PHE C 198 -28.61 -11.63 11.35
CA PHE C 198 -28.66 -12.43 10.12
C PHE C 198 -27.41 -13.31 10.09
N THR C 199 -27.59 -14.60 10.29
CA THR C 199 -26.51 -15.57 10.25
C THR C 199 -26.69 -16.49 9.04
N GLY C 200 -25.62 -17.22 8.72
CA GLY C 200 -25.65 -18.15 7.60
C GLY C 200 -24.39 -18.16 6.78
N HIS C 201 -23.70 -17.02 6.70
CA HIS C 201 -22.44 -16.96 5.97
C HIS C 201 -21.36 -17.76 6.72
N THR C 202 -20.40 -18.26 5.95
CA THR C 202 -19.29 -19.02 6.51
C THR C 202 -17.96 -18.26 6.46
N GLY C 203 -17.94 -17.06 5.88
CA GLY C 203 -16.76 -16.24 5.84
C GLY C 203 -17.08 -14.81 6.22
N ASP C 204 -16.02 -14.01 6.35
CA ASP C 204 -16.18 -12.62 6.77
C ASP C 204 -17.04 -11.87 5.78
N VAL C 205 -18.11 -11.24 6.26
CA VAL C 205 -19.00 -10.47 5.39
C VAL C 205 -18.31 -9.16 5.02
N MET C 206 -18.10 -8.94 3.73
CA MET C 206 -17.32 -7.81 3.26
C MET C 206 -18.16 -6.60 2.87
N SER C 207 -19.32 -6.79 2.26
CA SER C 207 -20.11 -5.67 1.79
C SER C 207 -21.58 -6.02 1.86
N LEU C 208 -22.41 -4.99 2.05
CA LEU C 208 -23.86 -5.13 2.01
C LEU C 208 -24.43 -3.99 1.20
N SER C 209 -25.62 -4.22 0.63
CA SER C 209 -26.25 -3.24 -0.25
C SER C 209 -27.75 -3.24 0.01
N LEU C 210 -28.32 -2.07 0.26
CA LEU C 210 -29.74 -1.92 0.46
C LEU C 210 -30.46 -1.74 -0.88
N ALA C 211 -31.64 -2.34 -0.97
CA ALA C 211 -32.46 -2.21 -2.16
C ALA C 211 -33.10 -0.82 -2.22
N PRO C 212 -33.52 -0.39 -3.40
CA PRO C 212 -34.25 0.89 -3.49
C PRO C 212 -35.33 1.06 -2.44
N ASP C 213 -36.26 0.10 -2.35
CA ASP C 213 -37.06 -0.05 -1.15
C ASP C 213 -36.24 -0.78 -0.09
N THR C 214 -36.48 -0.45 1.17
CA THR C 214 -35.64 -0.94 2.26
C THR C 214 -36.16 -2.24 2.86
N ARG C 215 -36.85 -3.07 2.07
CA ARG C 215 -37.36 -4.33 2.57
C ARG C 215 -36.35 -5.47 2.49
N LEU C 216 -35.44 -5.44 1.51
CA LEU C 216 -34.46 -6.50 1.33
C LEU C 216 -33.06 -5.90 1.29
N PHE C 217 -32.06 -6.77 1.45
CA PHE C 217 -30.68 -6.35 1.21
C PHE C 217 -29.81 -7.57 0.95
N VAL C 218 -28.81 -7.40 0.10
CA VAL C 218 -27.88 -8.47 -0.25
C VAL C 218 -26.59 -8.27 0.54
N SER C 219 -25.85 -9.36 0.71
CA SER C 219 -24.57 -9.33 1.40
C SER C 219 -23.63 -10.35 0.80
N GLY C 220 -22.37 -9.95 0.62
CA GLY C 220 -21.34 -10.83 0.10
C GLY C 220 -20.31 -11.12 1.16
N ALA C 221 -19.73 -12.32 1.11
CA ALA C 221 -18.78 -12.76 2.12
C ALA C 221 -17.56 -13.36 1.47
N CYS C 222 -16.64 -13.84 2.31
CA CYS C 222 -15.40 -14.46 1.85
C CYS C 222 -15.59 -15.90 1.40
N ASP C 223 -16.78 -16.47 1.53
CA ASP C 223 -17.07 -17.81 1.04
C ASP C 223 -17.54 -17.82 -0.40
N ALA C 224 -17.29 -16.74 -1.14
CA ALA C 224 -17.60 -16.64 -2.57
C ALA C 224 -19.10 -16.75 -2.84
N SER C 225 -19.92 -16.36 -1.88
CA SER C 225 -21.36 -16.42 -2.05
C SER C 225 -21.98 -15.08 -1.65
N ALA C 226 -23.17 -14.84 -2.18
CA ALA C 226 -23.99 -13.70 -1.80
C ALA C 226 -25.35 -14.18 -1.34
N LYS C 227 -25.94 -13.48 -0.39
CA LYS C 227 -27.22 -13.87 0.18
C LYS C 227 -28.17 -12.69 0.16
N LEU C 228 -29.46 -13.00 0.04
CA LEU C 228 -30.52 -12.00 0.06
C LEU C 228 -31.31 -12.17 1.35
N TRP C 229 -31.35 -11.12 2.17
CA TRP C 229 -32.02 -11.15 3.45
C TRP C 229 -33.23 -10.23 3.42
N ASP C 230 -34.33 -10.70 4.03
CA ASP C 230 -35.48 -9.86 4.28
C ASP C 230 -35.34 -9.21 5.66
N VAL C 231 -35.43 -7.88 5.70
CA VAL C 231 -35.12 -7.15 6.92
C VAL C 231 -36.12 -7.47 8.02
N ARG C 232 -37.41 -7.51 7.68
CA ARG C 232 -38.45 -7.62 8.72
C ARG C 232 -38.45 -9.00 9.34
N GLU C 233 -38.46 -10.05 8.52
CA GLU C 233 -38.47 -11.41 9.05
C GLU C 233 -37.11 -11.81 9.61
N GLY C 234 -36.05 -11.57 8.85
CA GLY C 234 -34.72 -11.88 9.29
C GLY C 234 -34.15 -13.19 8.77
N MET C 235 -34.74 -13.76 7.74
CA MET C 235 -34.31 -15.02 7.17
C MET C 235 -33.71 -14.81 5.78
N CYS C 236 -32.98 -15.81 5.31
CA CYS C 236 -32.31 -15.73 4.02
C CYS C 236 -33.24 -16.24 2.93
N ARG C 237 -33.58 -15.36 1.98
CA ARG C 237 -34.45 -15.72 0.87
C ARG C 237 -33.71 -16.55 -0.17
N GLN C 238 -32.65 -15.99 -0.76
CA GLN C 238 -31.94 -16.64 -1.85
C GLN C 238 -30.44 -16.59 -1.61
N THR C 239 -29.72 -17.50 -2.27
CA THR C 239 -28.28 -17.58 -2.21
C THR C 239 -27.73 -17.74 -3.62
N PHE C 240 -26.67 -16.99 -3.92
CA PHE C 240 -26.05 -16.96 -5.23
C PHE C 240 -24.59 -17.33 -5.11
N THR C 241 -24.14 -18.30 -5.91
CA THR C 241 -22.82 -18.91 -5.76
C THR C 241 -22.12 -19.00 -7.12
N GLY C 242 -22.08 -17.89 -7.85
CA GLY C 242 -21.41 -17.89 -9.14
C GLY C 242 -19.92 -17.61 -9.08
N HIS C 243 -19.47 -16.86 -8.08
CA HIS C 243 -18.07 -16.48 -7.99
C HIS C 243 -17.23 -17.67 -7.52
N GLU C 244 -15.90 -17.52 -7.63
CA GLU C 244 -14.98 -18.57 -7.23
C GLU C 244 -13.91 -18.06 -6.26
N SER C 245 -14.10 -16.88 -5.68
CA SER C 245 -13.16 -16.35 -4.71
C SER C 245 -13.87 -15.30 -3.85
N ASP C 246 -13.10 -14.66 -2.98
CA ASP C 246 -13.66 -13.71 -2.02
C ASP C 246 -14.42 -12.59 -2.74
N ILE C 247 -15.58 -12.24 -2.21
CA ILE C 247 -16.42 -11.17 -2.77
C ILE C 247 -16.16 -9.90 -1.96
N ASN C 248 -15.83 -8.81 -2.66
CA ASN C 248 -15.48 -7.55 -2.03
C ASN C 248 -16.53 -6.46 -2.18
N ALA C 249 -17.29 -6.45 -3.27
CA ALA C 249 -18.20 -5.36 -3.58
C ALA C 249 -19.56 -5.91 -4.01
N ILE C 250 -20.60 -5.16 -3.70
CA ILE C 250 -21.96 -5.55 -4.06
C ILE C 250 -22.80 -4.28 -4.19
N CYS C 251 -23.78 -4.33 -5.10
CA CYS C 251 -24.59 -3.17 -5.41
C CYS C 251 -25.88 -3.61 -6.10
N PHE C 252 -26.99 -3.00 -5.70
CA PHE C 252 -28.29 -3.30 -6.30
C PHE C 252 -28.49 -2.58 -7.62
N PHE C 253 -29.25 -3.21 -8.51
CA PHE C 253 -29.69 -2.55 -9.73
C PHE C 253 -30.70 -1.46 -9.39
N PRO C 254 -30.77 -0.39 -10.18
CA PRO C 254 -31.68 0.72 -9.85
C PRO C 254 -33.13 0.33 -9.63
N ASN C 255 -33.60 -0.78 -10.20
CA ASN C 255 -34.98 -1.21 -9.98
C ASN C 255 -35.12 -2.24 -8.86
N GLY C 256 -34.02 -2.79 -8.36
CA GLY C 256 -34.07 -3.73 -7.27
C GLY C 256 -34.37 -5.16 -7.66
N ASN C 257 -34.30 -5.50 -8.94
CA ASN C 257 -34.57 -6.85 -9.39
C ASN C 257 -33.32 -7.59 -9.83
N ALA C 258 -32.14 -7.01 -9.60
CA ALA C 258 -30.87 -7.64 -9.93
C ALA C 258 -29.79 -6.93 -9.14
N PHE C 259 -28.59 -7.51 -9.13
CA PHE C 259 -27.47 -6.88 -8.45
C PHE C 259 -26.16 -7.33 -9.08
N ALA C 260 -25.08 -6.66 -8.70
CA ALA C 260 -23.76 -6.92 -9.26
C ALA C 260 -22.74 -7.08 -8.14
N THR C 261 -21.78 -7.97 -8.36
CA THR C 261 -20.75 -8.28 -7.39
C THR C 261 -19.39 -8.24 -8.05
N GLY C 262 -18.38 -7.93 -7.24
CA GLY C 262 -17.00 -8.04 -7.67
C GLY C 262 -16.23 -8.89 -6.68
N SER C 263 -15.28 -9.66 -7.22
CA SER C 263 -14.55 -10.62 -6.41
C SER C 263 -13.06 -10.51 -6.69
N ASP C 264 -12.29 -11.40 -6.06
CA ASP C 264 -10.84 -11.43 -6.24
C ASP C 264 -10.40 -12.24 -7.44
N ASP C 265 -11.29 -12.95 -8.11
CA ASP C 265 -10.94 -13.68 -9.31
C ASP C 265 -10.91 -12.79 -10.55
N ALA C 266 -10.89 -11.47 -10.36
CA ALA C 266 -10.82 -10.51 -11.46
C ALA C 266 -12.03 -10.61 -12.37
N THR C 267 -13.22 -10.66 -11.77
CA THR C 267 -14.45 -10.85 -12.53
C THR C 267 -15.60 -10.21 -11.79
N CYS C 268 -16.38 -9.39 -12.49
CA CYS C 268 -17.65 -8.89 -11.98
C CYS C 268 -18.77 -9.76 -12.52
N ARG C 269 -19.87 -9.82 -11.78
CA ARG C 269 -20.99 -10.65 -12.20
C ARG C 269 -22.31 -9.97 -11.86
N LEU C 270 -23.24 -10.02 -12.80
CA LEU C 270 -24.59 -9.50 -12.63
C LEU C 270 -25.53 -10.68 -12.44
N PHE C 271 -26.11 -10.78 -11.24
CA PHE C 271 -27.07 -11.81 -10.87
C PHE C 271 -28.48 -11.25 -10.90
N ASP C 272 -29.43 -12.14 -11.15
CA ASP C 272 -30.85 -11.84 -11.17
C ASP C 272 -31.51 -12.30 -9.88
N LEU C 273 -32.52 -11.56 -9.44
CA LEU C 273 -33.22 -11.94 -8.21
C LEU C 273 -34.44 -12.80 -8.51
N ARG C 274 -34.98 -12.71 -9.72
CA ARG C 274 -36.18 -13.47 -10.07
C ARG C 274 -35.85 -14.78 -10.78
N ALA C 275 -34.89 -14.78 -11.69
CA ALA C 275 -34.42 -16.02 -12.28
C ALA C 275 -33.53 -16.80 -11.33
N ASP C 276 -33.11 -16.19 -10.22
CA ASP C 276 -32.39 -16.85 -9.14
C ASP C 276 -31.04 -17.39 -9.60
N GLN C 277 -30.42 -16.75 -10.58
CA GLN C 277 -29.14 -17.21 -11.09
C GLN C 277 -28.43 -16.06 -11.78
N GLU C 278 -27.16 -16.28 -12.11
CA GLU C 278 -26.31 -15.24 -12.68
C GLU C 278 -26.65 -14.99 -14.14
N LEU C 279 -26.76 -13.72 -14.50
CA LEU C 279 -27.07 -13.31 -15.87
C LEU C 279 -25.84 -12.98 -16.70
N MET C 280 -24.92 -12.18 -16.17
CA MET C 280 -23.83 -11.68 -17.01
C MET C 280 -22.51 -11.74 -16.26
N THR C 281 -21.42 -11.86 -17.03
CA THR C 281 -20.06 -11.94 -16.51
C THR C 281 -19.22 -10.89 -17.21
N TYR C 282 -18.59 -10.01 -16.44
CA TYR C 282 -17.74 -8.94 -16.96
C TYR C 282 -16.31 -9.27 -16.56
N SER C 283 -15.50 -9.68 -17.54
CA SER C 283 -14.13 -10.10 -17.29
C SER C 283 -13.31 -9.88 -18.55
N HIS C 284 -12.00 -9.81 -18.37
CA HIS C 284 -11.08 -9.69 -19.48
C HIS C 284 -9.76 -10.36 -19.11
N ASP C 285 -9.10 -10.96 -20.10
CA ASP C 285 -7.87 -11.70 -19.83
C ASP C 285 -6.74 -10.78 -19.38
N ASN C 286 -6.75 -9.53 -19.84
CA ASN C 286 -5.74 -8.56 -19.43
C ASN C 286 -5.94 -8.07 -18.00
N ILE C 287 -6.97 -8.54 -17.30
CA ILE C 287 -7.27 -8.11 -15.94
C ILE C 287 -6.97 -9.28 -15.01
N ILE C 288 -6.00 -9.10 -14.12
CA ILE C 288 -5.60 -10.13 -13.18
C ILE C 288 -5.61 -9.58 -11.77
N CYS C 289 -6.34 -8.49 -11.57
CA CYS C 289 -6.49 -7.85 -10.27
C CYS C 289 -7.94 -7.96 -9.80
N GLY C 290 -8.12 -7.88 -8.48
CA GLY C 290 -9.45 -8.01 -7.93
C GLY C 290 -10.22 -6.70 -7.96
N ILE C 291 -11.54 -6.82 -7.83
CA ILE C 291 -12.43 -5.67 -7.80
C ILE C 291 -12.65 -5.27 -6.36
N THR C 292 -12.45 -3.98 -6.06
CA THR C 292 -12.66 -3.46 -4.72
C THR C 292 -14.02 -2.81 -4.52
N SER C 293 -14.60 -2.22 -5.57
CA SER C 293 -15.88 -1.56 -5.44
C SER C 293 -16.59 -1.60 -6.79
N VAL C 294 -17.90 -1.75 -6.75
CA VAL C 294 -18.74 -1.64 -7.93
C VAL C 294 -19.86 -0.66 -7.64
N SER C 295 -20.40 -0.07 -8.71
CA SER C 295 -21.54 0.81 -8.58
C SER C 295 -22.24 0.92 -9.93
N PHE C 296 -23.49 1.36 -9.88
CA PHE C 296 -24.31 1.54 -11.08
C PHE C 296 -24.60 3.02 -11.27
N SER C 297 -24.83 3.40 -12.53
CA SER C 297 -25.29 4.75 -12.83
C SER C 297 -26.78 4.86 -12.53
N LYS C 298 -27.35 6.02 -12.85
CA LYS C 298 -28.76 6.26 -12.54
C LYS C 298 -29.66 5.40 -13.41
N SER C 299 -29.31 5.22 -14.68
CA SER C 299 -30.13 4.40 -15.57
C SER C 299 -29.83 2.92 -15.45
N GLY C 300 -28.69 2.55 -14.87
CA GLY C 300 -28.30 1.16 -14.76
C GLY C 300 -27.60 0.61 -15.98
N ARG C 301 -27.28 1.45 -16.96
CA ARG C 301 -26.62 0.97 -18.17
C ARG C 301 -25.12 0.87 -17.99
N LEU C 302 -24.54 1.71 -17.14
CA LEU C 302 -23.11 1.69 -16.87
C LEU C 302 -22.85 0.98 -15.55
N LEU C 303 -21.76 0.21 -15.51
CA LEU C 303 -21.31 -0.46 -14.30
C LEU C 303 -19.87 -0.06 -14.06
N LEU C 304 -19.63 0.74 -13.02
CA LEU C 304 -18.30 1.21 -12.70
C LEU C 304 -17.67 0.26 -11.70
N ALA C 305 -16.39 -0.07 -11.93
CA ALA C 305 -15.69 -1.04 -11.09
C ALA C 305 -14.27 -0.56 -10.83
N GLY C 306 -13.92 -0.38 -9.56
CA GLY C 306 -12.56 -0.04 -9.19
C GLY C 306 -11.72 -1.28 -8.94
N TYR C 307 -10.45 -1.20 -9.31
CA TYR C 307 -9.57 -2.37 -9.32
C TYR C 307 -8.34 -2.13 -8.48
N ASP C 308 -7.55 -3.20 -8.29
CA ASP C 308 -6.29 -3.11 -7.57
C ASP C 308 -5.16 -2.58 -8.42
N ASP C 309 -5.31 -2.57 -9.75
CA ASP C 309 -4.28 -2.04 -10.64
C ASP C 309 -4.34 -0.54 -10.79
N PHE C 310 -4.97 0.15 -9.83
CA PHE C 310 -5.04 1.60 -9.66
C PHE C 310 -6.04 2.25 -10.62
N ASN C 311 -6.75 1.48 -11.44
CA ASN C 311 -7.66 2.03 -12.44
C ASN C 311 -9.11 1.67 -12.12
N CYS C 312 -10.02 2.37 -12.78
CA CYS C 312 -11.44 2.09 -12.74
C CYS C 312 -11.92 1.83 -14.15
N ASN C 313 -12.77 0.82 -14.32
CA ASN C 313 -13.30 0.46 -15.63
C ASN C 313 -14.81 0.65 -15.65
N VAL C 314 -15.30 1.15 -16.77
CA VAL C 314 -16.73 1.33 -17.00
C VAL C 314 -17.18 0.24 -17.96
N TRP C 315 -18.21 -0.50 -17.58
CA TRP C 315 -18.70 -1.63 -18.35
C TRP C 315 -20.10 -1.34 -18.85
N ASP C 316 -20.39 -1.78 -20.06
CA ASP C 316 -21.74 -1.76 -20.59
C ASP C 316 -22.53 -2.90 -19.95
N ALA C 317 -23.35 -2.57 -18.96
CA ALA C 317 -24.00 -3.59 -18.15
C ALA C 317 -24.85 -4.56 -18.97
N LEU C 318 -25.25 -4.19 -20.17
CA LEU C 318 -26.05 -5.06 -21.02
C LEU C 318 -25.24 -5.80 -22.08
N LYS C 319 -24.25 -5.14 -22.67
CA LYS C 319 -23.40 -5.78 -23.67
C LYS C 319 -22.15 -6.42 -23.08
N ALA C 320 -21.81 -6.12 -21.83
CA ALA C 320 -20.69 -6.68 -21.09
C ALA C 320 -19.33 -6.30 -21.66
N ASP C 321 -19.27 -5.27 -22.49
CA ASP C 321 -18.02 -4.81 -23.07
C ASP C 321 -17.58 -3.51 -22.40
N ARG C 322 -16.30 -3.41 -22.09
CA ARG C 322 -15.76 -2.22 -21.42
C ARG C 322 -15.78 -1.03 -22.36
N ALA C 323 -16.18 0.11 -21.85
CA ALA C 323 -16.38 1.31 -22.67
C ALA C 323 -15.84 2.55 -21.96
N GLY C 324 -14.72 2.43 -21.28
CA GLY C 324 -14.12 3.57 -20.64
C GLY C 324 -13.21 3.16 -19.51
N VAL C 325 -12.33 4.10 -19.13
CA VAL C 325 -11.34 3.91 -18.06
C VAL C 325 -11.21 5.21 -17.30
N LEU C 326 -11.12 5.10 -15.97
CA LEU C 326 -10.82 6.23 -15.10
C LEU C 326 -9.46 5.98 -14.45
N ALA C 327 -8.40 6.54 -15.04
CA ALA C 327 -7.03 6.30 -14.60
C ALA C 327 -6.42 7.60 -14.12
N GLY C 328 -6.59 7.89 -12.83
CA GLY C 328 -6.01 9.09 -12.25
C GLY C 328 -5.39 8.89 -10.89
N HIS C 329 -5.51 7.68 -10.33
CA HIS C 329 -5.04 7.41 -8.98
C HIS C 329 -3.70 6.68 -9.02
N ASP C 330 -2.88 6.94 -8.00
CA ASP C 330 -1.56 6.36 -7.91
C ASP C 330 -1.51 5.05 -7.13
N ASN C 331 -2.43 4.82 -6.21
CA ASN C 331 -2.47 3.59 -5.43
C ASN C 331 -3.83 2.92 -5.65
N ARG C 332 -4.05 1.84 -4.89
CA ARG C 332 -5.23 1.01 -5.06
C ARG C 332 -6.52 1.80 -4.85
N VAL C 333 -7.46 1.65 -5.78
CA VAL C 333 -8.75 2.32 -5.69
C VAL C 333 -9.60 1.59 -4.66
N SER C 334 -9.85 2.23 -3.53
CA SER C 334 -10.50 1.56 -2.41
C SER C 334 -12.01 1.73 -2.39
N CYS C 335 -12.51 2.90 -2.75
CA CYS C 335 -13.95 3.15 -2.70
C CYS C 335 -14.38 3.91 -3.94
N LEU C 336 -15.64 3.74 -4.30
CA LEU C 336 -16.17 4.28 -5.55
C LEU C 336 -17.68 4.42 -5.41
N GLY C 337 -18.20 5.61 -5.65
CA GLY C 337 -19.62 5.85 -5.46
C GLY C 337 -20.25 6.84 -6.42
N VAL C 338 -21.38 6.47 -6.99
CA VAL C 338 -22.13 7.33 -7.90
C VAL C 338 -23.18 8.09 -7.10
N THR C 339 -23.32 9.37 -7.40
CA THR C 339 -24.25 10.22 -6.68
C THR C 339 -25.69 9.85 -6.99
N ASP C 340 -26.60 10.23 -6.09
CA ASP C 340 -27.96 9.73 -6.14
C ASP C 340 -28.74 10.31 -7.32
N ASP C 341 -28.24 11.39 -7.94
CA ASP C 341 -28.87 11.92 -9.14
C ASP C 341 -28.11 11.56 -10.41
N GLY C 342 -27.02 10.79 -10.30
CA GLY C 342 -26.33 10.32 -11.47
C GLY C 342 -25.47 11.34 -12.17
N MET C 343 -25.06 12.41 -11.47
CA MET C 343 -24.33 13.50 -12.09
C MET C 343 -22.82 13.38 -11.95
N ALA C 344 -22.31 12.78 -10.87
CA ALA C 344 -20.88 12.68 -10.67
C ALA C 344 -20.54 11.32 -10.09
N VAL C 345 -19.24 10.99 -10.12
CA VAL C 345 -18.72 9.75 -9.57
C VAL C 345 -17.53 10.10 -8.69
N ALA C 346 -17.64 9.81 -7.39
CA ALA C 346 -16.53 10.03 -6.48
C ALA C 346 -15.71 8.75 -6.37
N THR C 347 -14.40 8.91 -6.27
CA THR C 347 -13.49 7.79 -6.18
C THR C 347 -12.41 8.10 -5.16
N GLY C 348 -12.22 7.19 -4.21
CA GLY C 348 -11.21 7.34 -3.17
C GLY C 348 -10.20 6.20 -3.25
N SER C 349 -8.92 6.54 -3.15
CA SER C 349 -7.84 5.59 -3.32
C SER C 349 -6.95 5.59 -2.10
N TRP C 350 -6.00 4.66 -2.08
CA TRP C 350 -5.05 4.53 -0.98
C TRP C 350 -3.95 5.58 -1.02
N ASP C 351 -3.94 6.46 -2.03
CA ASP C 351 -3.01 7.57 -2.09
C ASP C 351 -3.56 8.83 -1.43
N SER C 352 -4.67 8.71 -0.70
CA SER C 352 -5.22 9.77 0.14
C SER C 352 -5.85 10.91 -0.64
N PHE C 353 -6.43 10.62 -1.81
CA PHE C 353 -7.09 11.63 -2.61
C PHE C 353 -8.42 11.11 -3.12
N LEU C 354 -9.48 11.89 -2.91
CA LEU C 354 -10.76 11.64 -3.57
C LEU C 354 -10.82 12.50 -4.82
N LYS C 355 -11.33 11.91 -5.89
CA LYS C 355 -11.53 12.63 -7.15
C LYS C 355 -12.99 12.53 -7.56
N ILE C 356 -13.49 13.61 -8.14
CA ILE C 356 -14.83 13.67 -8.71
C ILE C 356 -14.70 13.58 -10.21
N TRP C 357 -15.51 12.72 -10.84
CA TRP C 357 -15.51 12.55 -12.28
C TRP C 357 -16.89 12.85 -12.82
N ASN C 358 -16.93 13.35 -14.04
CA ASN C 358 -18.19 13.76 -14.66
C ASN C 358 -18.03 13.84 -16.18
N ASN D 5 -18.94 -34.36 16.10
CA ASN D 5 -19.92 -35.44 16.05
C ASN D 5 -21.33 -34.84 16.17
N THR D 6 -21.73 -34.51 17.40
CA THR D 6 -23.05 -33.91 17.60
C THR D 6 -23.05 -32.42 17.31
N ALA D 7 -21.89 -31.77 17.37
CA ALA D 7 -21.79 -30.36 17.01
C ALA D 7 -21.92 -30.14 15.51
N SER D 8 -21.69 -31.17 14.70
CA SER D 8 -21.91 -31.06 13.26
C SER D 8 -23.35 -31.37 12.89
N ILE D 9 -24.05 -32.14 13.72
CA ILE D 9 -25.45 -32.48 13.44
C ILE D 9 -26.31 -31.21 13.40
N ALA D 10 -26.04 -30.27 14.30
CA ALA D 10 -26.84 -29.05 14.34
C ALA D 10 -26.65 -28.21 13.09
N GLN D 11 -25.40 -28.02 12.66
CA GLN D 11 -25.15 -27.22 11.47
C GLN D 11 -25.63 -27.93 10.22
N ALA D 12 -25.59 -29.27 10.20
CA ALA D 12 -26.15 -30.00 9.06
C ALA D 12 -27.66 -29.86 9.02
N ARG D 13 -28.32 -29.93 10.18
CA ARG D 13 -29.74 -29.58 10.26
C ARG D 13 -30.01 -28.20 9.67
N LYS D 14 -29.20 -27.22 10.08
CA LYS D 14 -29.38 -25.85 9.61
C LYS D 14 -29.28 -25.78 8.09
N LEU D 15 -28.21 -26.36 7.52
CA LEU D 15 -28.00 -26.29 6.09
C LEU D 15 -29.11 -27.02 5.32
N VAL D 16 -29.50 -28.20 5.80
CA VAL D 16 -30.50 -28.96 5.04
C VAL D 16 -31.86 -28.27 5.11
N GLU D 17 -32.20 -27.65 6.24
CA GLU D 17 -33.48 -26.95 6.31
C GLU D 17 -33.44 -25.68 5.48
N GLN D 18 -32.29 -24.99 5.46
CA GLN D 18 -32.17 -23.81 4.60
C GLN D 18 -32.33 -24.18 3.14
N LEU D 19 -31.72 -25.29 2.71
CA LEU D 19 -31.89 -25.74 1.34
C LEU D 19 -33.33 -26.14 1.05
N LYS D 20 -33.97 -26.86 1.98
CA LYS D 20 -35.38 -27.20 1.81
C LYS D 20 -36.27 -25.97 1.68
N MET D 21 -35.94 -24.89 2.40
CA MET D 21 -36.76 -23.69 2.42
C MET D 21 -36.50 -22.79 1.22
N GLU D 22 -35.27 -22.78 0.68
CA GLU D 22 -34.95 -21.96 -0.47
C GLU D 22 -35.00 -22.73 -1.78
N ALA D 23 -35.36 -24.01 -1.75
CA ALA D 23 -35.55 -24.75 -2.99
C ALA D 23 -36.91 -24.48 -3.60
N ASN D 24 -37.89 -24.04 -2.80
CA ASN D 24 -39.25 -23.80 -3.28
C ASN D 24 -39.41 -22.32 -3.59
N ILE D 25 -38.80 -21.91 -4.70
CA ILE D 25 -38.85 -20.54 -5.17
C ILE D 25 -39.29 -20.54 -6.63
N ASP D 26 -40.28 -19.71 -6.94
CA ASP D 26 -40.76 -19.58 -8.31
C ASP D 26 -39.76 -18.77 -9.13
N ARG D 27 -39.05 -19.44 -10.02
CA ARG D 27 -38.00 -18.84 -10.83
C ARG D 27 -38.51 -18.66 -12.24
N ILE D 28 -38.73 -17.41 -12.64
CA ILE D 28 -39.14 -17.10 -14.00
C ILE D 28 -37.95 -17.33 -14.93
N LYS D 29 -38.21 -17.40 -16.23
CA LYS D 29 -37.14 -17.63 -17.19
C LYS D 29 -36.22 -16.42 -17.26
N VAL D 30 -35.02 -16.64 -17.80
CA VAL D 30 -34.06 -15.56 -17.99
C VAL D 30 -34.57 -14.57 -19.02
N SER D 31 -35.39 -15.03 -19.97
CA SER D 31 -35.85 -14.17 -21.05
C SER D 31 -36.63 -12.98 -20.52
N LYS D 32 -37.64 -13.23 -19.68
CA LYS D 32 -38.50 -12.15 -19.21
C LYS D 32 -37.74 -11.18 -18.31
N ALA D 33 -36.87 -11.70 -17.43
CA ALA D 33 -36.12 -10.84 -16.53
C ALA D 33 -35.10 -9.99 -17.29
N ALA D 34 -34.40 -10.59 -18.24
CA ALA D 34 -33.47 -9.83 -19.07
C ALA D 34 -34.21 -8.78 -19.89
N ALA D 35 -35.41 -9.11 -20.39
CA ALA D 35 -36.20 -8.12 -21.10
C ALA D 35 -36.63 -6.98 -20.18
N ASP D 36 -36.92 -7.29 -18.92
CA ASP D 36 -37.25 -6.25 -17.96
C ASP D 36 -36.05 -5.33 -17.71
N LEU D 37 -34.86 -5.91 -17.60
CA LEU D 37 -33.66 -5.09 -17.44
C LEU D 37 -33.43 -4.21 -18.65
N MET D 38 -33.62 -4.76 -19.85
CA MET D 38 -33.48 -3.96 -21.07
C MET D 38 -34.51 -2.83 -21.12
N ALA D 39 -35.74 -3.12 -20.73
CA ALA D 39 -36.78 -2.09 -20.73
C ALA D 39 -36.47 -0.99 -19.73
N TYR D 40 -35.92 -1.36 -18.57
CA TYR D 40 -35.55 -0.33 -17.59
C TYR D 40 -34.40 0.52 -18.10
N CYS D 41 -33.38 -0.11 -18.69
CA CYS D 41 -32.25 0.66 -19.22
C CYS D 41 -32.66 1.53 -20.39
N GLU D 42 -33.67 1.12 -21.17
CA GLU D 42 -34.11 1.91 -22.31
C GLU D 42 -35.07 3.03 -21.93
N ALA D 43 -35.88 2.83 -20.89
CA ALA D 43 -36.83 3.86 -20.47
C ALA D 43 -36.17 4.97 -19.68
N HIS D 44 -35.01 4.71 -19.07
CA HIS D 44 -34.31 5.70 -18.27
C HIS D 44 -32.99 6.13 -18.90
N ALA D 45 -32.76 5.76 -20.16
CA ALA D 45 -31.57 6.22 -20.86
C ALA D 45 -31.60 7.73 -21.10
N LYS D 46 -32.76 8.36 -20.96
CA LYS D 46 -32.90 9.79 -21.15
C LYS D 46 -32.43 10.59 -19.94
N GLU D 47 -32.41 9.99 -18.74
CA GLU D 47 -32.10 10.68 -17.51
C GLU D 47 -30.76 10.26 -16.92
N ASP D 48 -29.81 9.85 -17.75
CA ASP D 48 -28.52 9.39 -17.25
C ASP D 48 -27.43 10.38 -17.67
N PRO D 49 -27.03 11.31 -16.79
CA PRO D 49 -25.99 12.29 -17.17
C PRO D 49 -24.63 11.68 -17.46
N LEU D 50 -24.34 10.48 -16.95
CA LEU D 50 -23.07 9.84 -17.27
C LEU D 50 -23.10 9.13 -18.62
N LEU D 51 -24.29 8.76 -19.09
CA LEU D 51 -24.39 8.05 -20.36
C LEU D 51 -24.28 9.02 -21.54
N THR D 52 -24.81 10.22 -21.40
CA THR D 52 -24.74 11.24 -22.44
C THR D 52 -24.15 12.52 -21.86
N PRO D 53 -23.25 13.20 -22.57
CA PRO D 53 -22.67 14.43 -22.02
C PRO D 53 -23.73 15.52 -21.86
N VAL D 54 -23.82 16.06 -20.66
CA VAL D 54 -24.77 17.12 -20.33
C VAL D 54 -24.13 18.45 -20.73
N PRO D 55 -24.91 19.45 -21.15
CA PRO D 55 -24.32 20.75 -21.47
C PRO D 55 -23.57 21.34 -20.27
N ALA D 56 -22.47 22.01 -20.58
CA ALA D 56 -21.57 22.55 -19.57
C ALA D 56 -22.15 23.73 -18.80
N SER D 57 -23.40 24.10 -19.06
CA SER D 57 -24.01 25.21 -18.33
C SER D 57 -24.71 24.73 -17.07
N GLU D 58 -25.47 23.64 -17.15
CA GLU D 58 -26.18 23.09 -16.01
C GLU D 58 -25.37 22.02 -15.28
N ASN D 59 -24.15 21.77 -15.70
CA ASN D 59 -23.26 20.84 -15.02
C ASN D 59 -22.70 21.51 -13.76
N PRO D 60 -23.01 21.02 -12.56
CA PRO D 60 -22.52 21.69 -11.35
C PRO D 60 -21.01 21.61 -11.18
N PHE D 61 -20.32 20.73 -11.91
CA PHE D 61 -18.88 20.57 -11.82
C PHE D 61 -18.17 21.14 -13.02
N ARG D 62 -18.64 22.27 -13.54
CA ARG D 62 -18.02 22.92 -14.70
C ARG D 62 -16.65 23.47 -14.33
N GLN E 1 -20.59 -24.00 -7.97
CA GLN E 1 -20.00 -23.79 -6.66
C GLN E 1 -18.58 -24.33 -6.62
N VAL E 2 -17.82 -23.88 -5.62
CA VAL E 2 -16.45 -24.36 -5.41
C VAL E 2 -16.53 -25.65 -4.63
N GLN E 3 -16.22 -26.77 -5.29
CA GLN E 3 -16.32 -28.09 -4.71
C GLN E 3 -14.98 -28.80 -4.80
N LEU E 4 -14.55 -29.39 -3.69
CA LEU E 4 -13.31 -30.16 -3.61
C LEU E 4 -13.63 -31.49 -2.97
N GLN E 5 -13.60 -32.56 -3.77
CA GLN E 5 -13.99 -33.88 -3.32
C GLN E 5 -12.74 -34.76 -3.23
N GLU E 6 -12.40 -35.19 -2.02
CA GLU E 6 -11.25 -36.05 -1.79
C GLU E 6 -11.68 -37.51 -1.74
N SER E 7 -10.76 -38.38 -2.16
CA SER E 7 -11.00 -39.82 -2.12
C SER E 7 -9.64 -40.52 -2.07
N GLY E 8 -9.69 -41.84 -1.91
CA GLY E 8 -8.49 -42.66 -1.87
C GLY E 8 -8.08 -43.11 -0.49
N GLY E 9 -8.73 -42.63 0.56
CA GLY E 9 -8.35 -43.00 1.92
C GLY E 9 -8.68 -44.44 2.25
N GLY E 10 -8.32 -44.83 3.46
CA GLY E 10 -8.56 -46.18 3.93
C GLY E 10 -7.60 -46.56 5.03
N LEU E 11 -7.67 -47.83 5.40
CA LEU E 11 -6.81 -48.38 6.44
C LEU E 11 -5.69 -49.19 5.80
N VAL E 12 -4.45 -48.92 6.23
CA VAL E 12 -3.26 -49.54 5.65
C VAL E 12 -2.29 -49.89 6.77
N GLN E 13 -1.64 -51.05 6.66
CA GLN E 13 -0.66 -51.46 7.63
C GLN E 13 0.53 -50.49 7.64
N PRO E 14 1.25 -50.40 8.75
CA PRO E 14 2.44 -49.55 8.79
C PRO E 14 3.44 -49.95 7.72
N GLY E 15 4.02 -48.94 7.05
CA GLY E 15 4.92 -49.18 5.95
C GLY E 15 4.24 -49.34 4.61
N GLY E 16 2.91 -49.37 4.56
CA GLY E 16 2.19 -49.50 3.32
C GLY E 16 2.29 -48.26 2.46
N SER E 17 1.35 -48.16 1.53
CA SER E 17 1.30 -47.05 0.59
C SER E 17 -0.14 -46.73 0.23
N LEU E 18 -0.38 -45.45 -0.05
CA LEU E 18 -1.68 -44.97 -0.51
C LEU E 18 -1.49 -43.91 -1.57
N ARG E 19 -2.59 -43.54 -2.21
CA ARG E 19 -2.59 -42.43 -3.17
C ARG E 19 -3.93 -41.73 -3.06
N LEU E 20 -3.94 -40.58 -2.39
CA LEU E 20 -5.14 -39.78 -2.24
C LEU E 20 -5.32 -38.89 -3.46
N SER E 21 -6.57 -38.73 -3.88
CA SER E 21 -6.93 -37.91 -5.01
C SER E 21 -7.92 -36.84 -4.56
N CYS E 22 -7.92 -35.72 -5.28
CA CYS E 22 -8.78 -34.57 -4.98
C CYS E 22 -9.28 -34.03 -6.31
N ALA E 23 -10.59 -34.13 -6.53
CA ALA E 23 -11.23 -33.61 -7.73
C ALA E 23 -11.82 -32.24 -7.44
N ALA E 24 -11.55 -31.30 -8.34
CA ALA E 24 -11.94 -29.90 -8.15
C ALA E 24 -12.98 -29.50 -9.18
N SER E 25 -13.92 -28.65 -8.76
CA SER E 25 -14.94 -28.15 -9.68
C SER E 25 -15.35 -26.76 -9.23
N GLY E 26 -15.68 -25.92 -10.22
CA GLY E 26 -16.17 -24.58 -9.95
C GLY E 26 -15.13 -23.49 -9.97
N PHE E 27 -13.91 -23.79 -10.40
CA PHE E 27 -12.87 -22.78 -10.51
C PHE E 27 -11.78 -23.28 -11.45
N THR E 28 -11.02 -22.34 -12.01
CA THR E 28 -9.91 -22.68 -12.88
C THR E 28 -8.80 -23.30 -12.04
N PHE E 29 -8.64 -24.61 -12.15
CA PHE E 29 -7.69 -25.33 -11.30
C PHE E 29 -6.26 -24.87 -11.51
N SER E 30 -5.93 -24.41 -12.72
CA SER E 30 -4.55 -24.09 -13.06
C SER E 30 -4.11 -22.71 -12.55
N ASN E 31 -5.01 -21.91 -12.00
CA ASN E 31 -4.68 -20.58 -11.53
C ASN E 31 -4.34 -20.56 -10.04
N TYR E 32 -4.53 -21.65 -9.32
CA TYR E 32 -4.45 -21.66 -7.87
C TYR E 32 -3.39 -22.62 -7.38
N LYS E 33 -2.71 -22.23 -6.31
CA LYS E 33 -1.77 -23.08 -5.62
C LYS E 33 -2.52 -23.96 -4.64
N MET E 34 -2.25 -25.26 -4.68
CA MET E 34 -3.04 -26.23 -3.94
C MET E 34 -2.26 -26.77 -2.75
N ASN E 35 -2.99 -27.18 -1.72
CA ASN E 35 -2.42 -27.62 -0.46
C ASN E 35 -3.07 -28.93 -0.01
N TRP E 36 -2.28 -29.72 0.69
CA TRP E 36 -2.76 -30.87 1.44
C TRP E 36 -2.50 -30.59 2.92
N VAL E 37 -3.56 -30.61 3.72
CA VAL E 37 -3.46 -30.40 5.16
C VAL E 37 -4.06 -31.61 5.85
N ARG E 38 -3.89 -31.68 7.17
CA ARG E 38 -4.43 -32.81 7.91
C ARG E 38 -4.71 -32.41 9.34
N GLN E 39 -5.65 -33.14 9.95
CA GLN E 39 -6.00 -32.98 11.35
C GLN E 39 -5.89 -34.33 12.05
N ALA E 40 -5.08 -34.38 13.11
CA ALA E 40 -4.93 -35.57 13.90
C ALA E 40 -5.97 -35.62 15.00
N PRO E 41 -6.25 -36.80 15.55
CA PRO E 41 -7.24 -36.90 16.63
C PRO E 41 -6.83 -36.09 17.85
N GLY E 42 -7.73 -35.22 18.29
CA GLY E 42 -7.48 -34.40 19.46
C GLY E 42 -6.56 -33.23 19.25
N LYS E 43 -6.06 -33.01 18.04
CA LYS E 43 -5.18 -31.90 17.72
C LYS E 43 -5.83 -31.00 16.69
N GLY E 44 -5.16 -29.90 16.37
CA GLY E 44 -5.63 -28.95 15.40
C GLY E 44 -5.20 -29.30 13.98
N LEU E 45 -5.54 -28.40 13.06
CA LEU E 45 -5.17 -28.60 11.67
C LEU E 45 -3.68 -28.35 11.47
N GLU E 46 -3.06 -29.17 10.63
CA GLU E 46 -1.64 -29.12 10.37
C GLU E 46 -1.41 -29.06 8.87
N TRP E 47 -0.39 -28.29 8.46
CA TRP E 47 -0.05 -28.17 7.05
C TRP E 47 0.91 -29.29 6.66
N VAL E 48 0.55 -30.04 5.63
CA VAL E 48 1.33 -31.19 5.20
C VAL E 48 2.19 -30.86 3.99
N SER E 49 1.59 -30.34 2.92
CA SER E 49 2.36 -30.10 1.70
C SER E 49 1.60 -29.14 0.81
N ASP E 50 2.29 -28.65 -0.22
CA ASP E 50 1.63 -27.80 -1.20
C ASP E 50 2.41 -27.80 -2.51
N ILE E 51 1.71 -27.44 -3.58
CA ILE E 51 2.25 -27.40 -4.93
C ILE E 51 1.72 -26.16 -5.63
N SER E 52 2.55 -25.57 -6.47
CA SER E 52 2.24 -24.29 -7.10
C SER E 52 1.36 -24.50 -8.33
N GLN E 53 1.22 -23.44 -9.14
CA GLN E 53 0.31 -23.48 -10.28
C GLN E 53 0.78 -24.47 -11.34
N SER E 54 2.01 -24.29 -11.83
CA SER E 54 2.56 -25.17 -12.85
C SER E 54 2.97 -26.52 -12.28
N GLY E 55 3.49 -26.53 -11.06
CA GLY E 55 3.99 -27.75 -10.44
C GLY E 55 5.49 -27.76 -10.18
N ALA E 56 6.20 -26.70 -10.55
CA ALA E 56 7.65 -26.69 -10.36
C ALA E 56 8.02 -26.51 -8.88
N SER E 57 7.31 -25.63 -8.18
CA SER E 57 7.59 -25.35 -6.78
C SER E 57 6.74 -26.27 -5.91
N ILE E 58 7.40 -27.11 -5.13
CA ILE E 58 6.75 -28.10 -4.29
C ILE E 58 7.34 -28.01 -2.90
N SER E 59 6.50 -28.15 -1.88
CA SER E 59 6.99 -28.08 -0.50
C SER E 59 6.27 -29.08 0.38
N TYR E 60 7.00 -29.60 1.35
CA TYR E 60 6.49 -30.54 2.34
C TYR E 60 6.87 -30.05 3.73
N THR E 61 6.18 -30.57 4.73
CA THR E 61 6.60 -30.31 6.09
C THR E 61 7.79 -31.20 6.45
N GLY E 62 8.34 -30.96 7.64
CA GLY E 62 9.56 -31.67 8.02
C GLY E 62 9.36 -33.17 8.17
N SER E 63 8.25 -33.56 8.78
CA SER E 63 8.07 -34.96 9.17
C SER E 63 7.59 -35.85 8.03
N VAL E 64 7.41 -35.31 6.83
CA VAL E 64 7.00 -36.12 5.68
C VAL E 64 7.96 -36.03 4.52
N LYS E 65 9.02 -35.23 4.62
CA LYS E 65 9.92 -35.05 3.49
C LYS E 65 10.66 -36.34 3.17
N GLY E 66 10.55 -36.79 1.93
CA GLY E 66 11.16 -38.02 1.48
C GLY E 66 10.19 -39.18 1.35
N ARG E 67 9.06 -39.12 2.05
CA ARG E 67 8.05 -40.18 2.01
C ARG E 67 6.90 -39.85 1.07
N PHE E 68 6.27 -38.69 1.24
CA PHE E 68 5.14 -38.31 0.42
C PHE E 68 5.61 -37.61 -0.84
N THR E 69 4.74 -37.63 -1.86
CA THR E 69 4.99 -36.86 -3.07
C THR E 69 3.68 -36.31 -3.60
N ILE E 70 3.65 -35.02 -3.89
CA ILE E 70 2.46 -34.32 -4.34
C ILE E 70 2.57 -34.06 -5.83
N SER E 71 1.43 -34.00 -6.50
CA SER E 71 1.40 -33.73 -7.93
C SER E 71 0.02 -33.21 -8.30
N ARG E 72 -0.07 -32.58 -9.46
CA ARG E 72 -1.34 -32.05 -9.95
C ARG E 72 -1.45 -32.25 -11.44
N ASP E 73 -2.62 -32.67 -11.90
CA ASP E 73 -2.95 -32.76 -13.32
C ASP E 73 -3.91 -31.62 -13.63
N ASN E 74 -3.41 -30.62 -14.37
CA ASN E 74 -4.24 -29.51 -14.81
C ASN E 74 -5.14 -29.90 -15.96
N ALA E 75 -4.83 -30.99 -16.66
CA ALA E 75 -5.67 -31.43 -17.76
C ALA E 75 -6.96 -32.07 -17.27
N LYS E 76 -6.92 -32.72 -16.10
CA LYS E 76 -8.09 -33.37 -15.53
C LYS E 76 -8.49 -32.75 -14.20
N ASN E 77 -7.84 -31.65 -13.81
CA ASN E 77 -8.18 -30.89 -12.61
C ASN E 77 -8.16 -31.78 -11.37
N THR E 78 -7.04 -32.46 -11.16
CA THR E 78 -6.94 -33.41 -10.06
C THR E 78 -5.66 -33.15 -9.28
N LEU E 79 -5.72 -33.35 -7.96
CA LEU E 79 -4.56 -33.20 -7.09
C LEU E 79 -4.28 -34.54 -6.43
N TYR E 80 -3.08 -35.06 -6.64
CA TYR E 80 -2.69 -36.37 -6.13
C TYR E 80 -1.64 -36.22 -5.04
N LEU E 81 -1.73 -37.10 -4.05
CA LEU E 81 -0.74 -37.20 -2.99
C LEU E 81 -0.44 -38.68 -2.75
N GLN E 82 0.75 -39.12 -3.16
CA GLN E 82 1.17 -40.50 -2.96
C GLN E 82 1.94 -40.59 -1.65
N MET E 83 1.47 -41.44 -0.76
CA MET E 83 2.06 -41.62 0.57
C MET E 83 2.74 -42.97 0.62
N ASN E 84 4.02 -42.97 0.98
CA ASN E 84 4.83 -44.18 1.03
C ASN E 84 5.34 -44.41 2.44
N SER E 85 5.46 -45.67 2.82
CA SER E 85 6.01 -46.08 4.11
C SER E 85 5.37 -45.29 5.25
N LEU E 86 4.05 -45.42 5.37
CA LEU E 86 3.31 -44.69 6.39
C LEU E 86 3.70 -45.18 7.78
N LYS E 87 3.49 -44.32 8.76
CA LYS E 87 3.81 -44.57 10.15
C LYS E 87 2.56 -44.41 10.99
N PRO E 88 2.49 -45.06 12.16
CA PRO E 88 1.28 -44.98 12.99
C PRO E 88 0.86 -43.55 13.32
N GLU E 89 1.77 -42.58 13.30
CA GLU E 89 1.40 -41.20 13.57
C GLU E 89 0.92 -40.46 12.32
N ASP E 90 0.70 -41.16 11.22
CA ASP E 90 0.14 -40.57 10.01
C ASP E 90 -1.37 -40.70 9.94
N THR E 91 -1.99 -41.35 10.93
CA THR E 91 -3.45 -41.49 10.94
C THR E 91 -4.09 -40.15 11.25
N ALA E 92 -4.92 -39.67 10.33
CA ALA E 92 -5.51 -38.33 10.45
C ALA E 92 -6.56 -38.17 9.35
N VAL E 93 -7.29 -37.05 9.44
CA VAL E 93 -8.21 -36.67 8.38
C VAL E 93 -7.49 -35.71 7.45
N TYR E 94 -7.40 -36.06 6.17
CA TYR E 94 -6.66 -35.29 5.19
C TYR E 94 -7.61 -34.44 4.36
N TYR E 95 -7.25 -33.16 4.20
CA TYR E 95 -8.05 -32.20 3.45
C TYR E 95 -7.25 -31.64 2.27
N CYS E 96 -7.96 -31.41 1.18
CA CYS E 96 -7.44 -30.78 -0.03
C CYS E 96 -7.92 -29.34 -0.04
N ALA E 97 -7.00 -28.40 0.16
CA ALA E 97 -7.33 -27.00 0.32
C ALA E 97 -6.83 -26.19 -0.86
N ARG E 98 -7.56 -25.13 -1.20
CA ARG E 98 -7.14 -24.15 -2.17
C ARG E 98 -7.01 -22.80 -1.48
N CYS E 99 -5.91 -22.11 -1.72
CA CYS E 99 -5.73 -20.83 -1.06
C CYS E 99 -6.44 -19.73 -1.85
N PRO E 100 -6.91 -18.68 -1.16
CA PRO E 100 -8.08 -17.95 -1.67
C PRO E 100 -7.91 -17.23 -2.98
N ALA E 101 -6.73 -16.69 -3.27
CA ALA E 101 -6.61 -15.81 -4.41
C ALA E 101 -5.75 -16.43 -5.51
N PRO E 102 -6.12 -16.23 -6.76
CA PRO E 102 -5.30 -16.77 -7.86
C PRO E 102 -4.09 -15.90 -8.15
N PHE E 103 -3.09 -16.53 -8.76
CA PHE E 103 -1.85 -15.90 -9.22
C PHE E 103 -0.97 -15.39 -8.08
N THR E 104 -1.33 -15.64 -6.83
CA THR E 104 -0.53 -15.17 -5.71
C THR E 104 0.41 -16.26 -5.21
N ARG E 105 1.47 -15.84 -4.53
CA ARG E 105 2.42 -16.76 -3.91
C ARG E 105 2.19 -16.92 -2.42
N ASP E 106 1.12 -16.35 -1.88
CA ASP E 106 0.82 -16.47 -0.47
C ASP E 106 -0.55 -17.10 -0.29
N CYS E 107 -0.64 -18.01 0.66
CA CYS E 107 -1.88 -18.70 0.99
C CYS E 107 -2.08 -18.58 2.49
N PHE E 108 -2.99 -17.66 2.89
CA PHE E 108 -3.03 -17.23 4.29
C PHE E 108 -3.67 -18.27 5.20
N ASP E 109 -4.96 -18.55 5.00
CA ASP E 109 -5.76 -19.15 6.06
C ASP E 109 -6.19 -20.57 5.71
N VAL E 110 -5.33 -21.31 5.02
CA VAL E 110 -5.67 -22.66 4.62
C VAL E 110 -5.80 -23.57 5.83
N THR E 111 -5.18 -23.20 6.94
CA THR E 111 -5.20 -24.00 8.16
C THR E 111 -6.10 -23.39 9.24
N SER E 112 -7.06 -22.55 8.86
CA SER E 112 -7.98 -21.98 9.83
C SER E 112 -9.11 -22.95 10.14
N THR E 113 -9.73 -22.76 11.30
CA THR E 113 -10.77 -23.68 11.76
C THR E 113 -11.97 -23.66 10.80
N THR E 114 -12.36 -22.48 10.34
CA THR E 114 -13.47 -22.33 9.41
C THR E 114 -12.95 -21.69 8.13
N TYR E 115 -12.66 -22.52 7.13
CA TYR E 115 -12.12 -22.06 5.86
C TYR E 115 -12.99 -22.60 4.74
N ALA E 116 -13.39 -21.71 3.82
CA ALA E 116 -14.46 -22.05 2.89
C ALA E 116 -13.99 -22.95 1.76
N TYR E 117 -12.75 -22.77 1.31
CA TYR E 117 -12.24 -23.48 0.14
C TYR E 117 -11.52 -24.77 0.51
N ARG E 118 -11.90 -25.43 1.60
CA ARG E 118 -11.40 -26.73 1.95
C ARG E 118 -12.38 -27.81 1.50
N GLY E 119 -12.02 -29.06 1.70
CA GLY E 119 -12.91 -30.19 1.51
C GLY E 119 -13.36 -30.78 2.82
N GLN E 120 -14.07 -31.90 2.72
CA GLN E 120 -14.47 -32.65 3.91
C GLN E 120 -13.40 -33.62 4.39
N GLY E 121 -12.49 -34.03 3.52
CA GLY E 121 -11.36 -34.82 3.96
C GLY E 121 -11.66 -36.30 4.01
N THR E 122 -10.61 -37.10 3.85
CA THR E 122 -10.69 -38.54 3.95
C THR E 122 -9.91 -39.02 5.17
N GLN E 123 -10.43 -40.03 5.84
CA GLN E 123 -9.75 -40.60 7.00
C GLN E 123 -8.69 -41.59 6.53
N VAL E 124 -7.43 -41.35 6.92
CA VAL E 124 -6.33 -42.26 6.65
C VAL E 124 -5.92 -42.86 7.99
N THR E 125 -6.09 -44.17 8.12
CA THR E 125 -5.84 -44.89 9.36
C THR E 125 -4.68 -45.86 9.16
N VAL E 126 -3.69 -45.81 10.04
CA VAL E 126 -2.53 -46.70 9.98
C VAL E 126 -2.55 -47.58 11.23
N SER E 127 -2.67 -48.88 11.02
CA SER E 127 -2.72 -49.83 12.12
C SER E 127 -2.42 -51.21 11.56
N SER E 128 -2.30 -52.18 12.47
CA SER E 128 -1.99 -53.55 12.09
C SER E 128 -2.99 -54.52 12.70
C01 GM9 F . 28.01 29.99 -12.37
C02 GM9 F . 28.78 30.60 -13.55
C03 GM9 F . 30.91 32.26 -16.86
C04 GM9 F . 30.17 31.68 -15.71
C05 GM9 F . 27.11 31.07 -11.75
C06 GM9 F . 28.99 29.46 -11.31
C07 GM9 F . 27.08 28.82 -12.76
C08 GM9 F . 28.41 30.27 -14.85
C09 GM9 F . 29.85 31.46 -13.32
C10 GM9 F . 33.21 31.29 -16.69
C11 GM9 F . 29.11 30.82 -15.93
C12 GM9 F . 30.55 32.00 -14.40
C13 GM9 F . 34.18 32.35 -17.10
C14 GM9 F . 30.58 29.07 -18.25
C15 GM9 F . 34.49 32.57 -18.44
C16 GM9 F . 34.80 33.12 -16.11
C17 GM9 F . 31.10 27.88 -17.76
C18 GM9 F . 29.20 29.20 -18.29
C19 GM9 F . 35.39 33.56 -18.81
C20 GM9 F . 35.70 34.12 -16.48
C21 GM9 F . 36.00 34.33 -17.82
C22 GM9 F . 30.24 26.87 -17.32
C23 GM9 F . 28.88 27.11 -17.40
C24 GM9 F . 36.25 32.69 -20.84
C25 GM9 F . 37.29 33.20 -21.81
N01 GM9 F . 31.92 31.34 -17.43
N02 GM9 F . 28.33 28.25 -17.87
O01 GM9 F . 32.88 29.76 -19.24
O02 GM9 F . 30.87 31.12 -19.78
O03 GM9 F . 35.69 33.78 -20.11
O04 GM9 F . 38.52 33.13 -21.25
O05 GM9 F . 37.07 33.62 -22.94
S01 GM9 F . 31.64 30.37 -18.81
#